data_2E3H
# 
_entry.id   2E3H 
# 
_audit_conform.dict_name       mmcif_pdbx.dic 
_audit_conform.dict_version    5.380 
_audit_conform.dict_location   http://mmcif.pdb.org/dictionaries/ascii/mmcif_pdbx.dic 
# 
loop_
_database_2.database_id 
_database_2.database_code 
_database_2.pdbx_database_accession 
_database_2.pdbx_DOI 
PDB   2E3H         pdb_00002e3h 10.2210/pdb2e3h/pdb 
RCSB  RCSB026177   ?            ?                   
WWPDB D_1000026177 ?            ?                   
# 
_pdbx_database_related.db_name        PDB 
_pdbx_database_related.db_id          2E3I 
_pdbx_database_related.details        . 
_pdbx_database_related.content_type   unspecified 
# 
_pdbx_database_status.status_code                     REL 
_pdbx_database_status.entry_id                        2E3H 
_pdbx_database_status.recvd_initial_deposition_date   2006-11-26 
_pdbx_database_status.deposit_site                    PDBJ 
_pdbx_database_status.process_site                    PDBJ 
_pdbx_database_status.status_code_sf                  REL 
_pdbx_database_status.status_code_mr                  ? 
_pdbx_database_status.SG_entry                        ? 
_pdbx_database_status.pdb_format_compatible           Y 
_pdbx_database_status.status_code_cs                  ? 
_pdbx_database_status.status_code_nmr_data            ? 
_pdbx_database_status.methods_development_category    ? 
# 
loop_
_audit_author.name 
_audit_author.pdbx_ordinal 
'Maesaki, R.'   1 
'Hakoshima, T.' 2 
# 
_citation.id                        primary 
_citation.title                     
'Structural basis for tubulin recognition by cytoplasmic linker protein 170 and its autoinhibition' 
_citation.journal_abbrev            Proc.Natl.Acad.Sci.Usa 
_citation.journal_volume            104 
_citation.page_first                10346 
_citation.page_last                 10351 
_citation.year                      2007 
_citation.journal_id_ASTM           PNASA6 
_citation.country                   US 
_citation.journal_id_ISSN           0027-8424 
_citation.journal_id_CSD            0040 
_citation.book_publisher            ? 
_citation.pdbx_database_id_PubMed   17563362 
_citation.pdbx_database_id_DOI      10.1073/pnas.0703876104 
# 
loop_
_citation_author.citation_id 
_citation_author.name 
_citation_author.ordinal 
_citation_author.identifier_ORCID 
primary 'Mishima, M.'   1 ? 
primary 'Maesaki, R.'   2 ? 
primary 'Kasa, M.'      3 ? 
primary 'Watanabe, T.'  4 ? 
primary 'Fukata, M.'    5 ? 
primary 'Kaibuchi, K.'  6 ? 
primary 'Hakoshima, T.' 7 ? 
# 
_cell.entry_id           2E3H 
_cell.length_a           54.937 
_cell.length_b           54.937 
_cell.length_c           57.270 
_cell.angle_alpha        90.00 
_cell.angle_beta         90.00 
_cell.angle_gamma        120.00 
_cell.Z_PDB              6 
_cell.pdbx_unique_axis   ? 
_cell.length_a_esd       ? 
_cell.length_b_esd       ? 
_cell.length_c_esd       ? 
_cell.angle_alpha_esd    ? 
_cell.angle_beta_esd     ? 
_cell.angle_gamma_esd    ? 
# 
_symmetry.entry_id                         2E3H 
_symmetry.space_group_name_H-M             'P 32 2 1' 
_symmetry.pdbx_full_space_group_name_H-M   ? 
_symmetry.cell_setting                     ? 
_symmetry.Int_Tables_number                154 
_symmetry.space_group_name_Hall            ? 
# 
loop_
_entity.id 
_entity.type 
_entity.src_method 
_entity.pdbx_description 
_entity.formula_weight 
_entity.pdbx_number_of_molecules 
_entity.pdbx_ec 
_entity.pdbx_mutation 
_entity.pdbx_fragment 
_entity.details 
1 polymer man Restin 9681.208 1   ? ? 'CAP-Gly domain 2' ? 
2 water   nat water  18.015   119 ? ? ?                  ? 
# 
_entity_name_com.entity_id   1 
_entity_name_com.name        
;CLIP-170, Cytoplasmic linker protein 170 alpha-2, Reed- Sternberg intermediate filament-associated protein, Cytoplasmic linker protein 1
;
# 
_entity_poly.entity_id                      1 
_entity_poly.type                           'polypeptide(L)' 
_entity_poly.nstd_linkage                   no 
_entity_poly.nstd_monomer                   no 
_entity_poly.pdbx_seq_one_letter_code       
;ELKIGDRVLVGGTKAGVVRFLGETDFAKGEWCGVELDEPLGKNDGAVAGTRYFQCQPKYGLFAPVHKVTKIGFPSTTPAK
AKANAVRRVM
;
_entity_poly.pdbx_seq_one_letter_code_can   
;ELKIGDRVLVGGTKAGVVRFLGETDFAKGEWCGVELDEPLGKNDGAVAGTRYFQCQPKYGLFAPVHKVTKIGFPSTTPAK
AKANAVRRVM
;
_entity_poly.pdbx_strand_id                 A 
_entity_poly.pdbx_target_identifier         ? 
# 
loop_
_entity_poly_seq.entity_id 
_entity_poly_seq.num 
_entity_poly_seq.mon_id 
_entity_poly_seq.hetero 
1 1  GLU n 
1 2  LEU n 
1 3  LYS n 
1 4  ILE n 
1 5  GLY n 
1 6  ASP n 
1 7  ARG n 
1 8  VAL n 
1 9  LEU n 
1 10 VAL n 
1 11 GLY n 
1 12 GLY n 
1 13 THR n 
1 14 LYS n 
1 15 ALA n 
1 16 GLY n 
1 17 VAL n 
1 18 VAL n 
1 19 ARG n 
1 20 PHE n 
1 21 LEU n 
1 22 GLY n 
1 23 GLU n 
1 24 THR n 
1 25 ASP n 
1 26 PHE n 
1 27 ALA n 
1 28 LYS n 
1 29 GLY n 
1 30 GLU n 
1 31 TRP n 
1 32 CYS n 
1 33 GLY n 
1 34 VAL n 
1 35 GLU n 
1 36 LEU n 
1 37 ASP n 
1 38 GLU n 
1 39 PRO n 
1 40 LEU n 
1 41 GLY n 
1 42 LYS n 
1 43 ASN n 
1 44 ASP n 
1 45 GLY n 
1 46 ALA n 
1 47 VAL n 
1 48 ALA n 
1 49 GLY n 
1 50 THR n 
1 51 ARG n 
1 52 TYR n 
1 53 PHE n 
1 54 GLN n 
1 55 CYS n 
1 56 GLN n 
1 57 PRO n 
1 58 LYS n 
1 59 TYR n 
1 60 GLY n 
1 61 LEU n 
1 62 PHE n 
1 63 ALA n 
1 64 PRO n 
1 65 VAL n 
1 66 HIS n 
1 67 LYS n 
1 68 VAL n 
1 69 THR n 
1 70 LYS n 
1 71 ILE n 
1 72 GLY n 
1 73 PHE n 
1 74 PRO n 
1 75 SER n 
1 76 THR n 
1 77 THR n 
1 78 PRO n 
1 79 ALA n 
1 80 LYS n 
1 81 ALA n 
1 82 LYS n 
1 83 ALA n 
1 84 ASN n 
1 85 ALA n 
1 86 VAL n 
1 87 ARG n 
1 88 ARG n 
1 89 VAL n 
1 90 MET n 
# 
_entity_src_gen.entity_id                          1 
_entity_src_gen.pdbx_src_id                        1 
_entity_src_gen.pdbx_alt_source_flag               sample 
_entity_src_gen.pdbx_seq_type                      ? 
_entity_src_gen.pdbx_beg_seq_num                   ? 
_entity_src_gen.pdbx_end_seq_num                   ? 
_entity_src_gen.gene_src_common_name               human 
_entity_src_gen.gene_src_genus                     Homo 
_entity_src_gen.pdbx_gene_src_gene                 CLIP-170 
_entity_src_gen.gene_src_species                   ? 
_entity_src_gen.gene_src_strain                    ? 
_entity_src_gen.gene_src_tissue                    ? 
_entity_src_gen.gene_src_tissue_fraction           ? 
_entity_src_gen.gene_src_details                   ? 
_entity_src_gen.pdbx_gene_src_fragment             ? 
_entity_src_gen.pdbx_gene_src_scientific_name      'Homo sapiens' 
_entity_src_gen.pdbx_gene_src_ncbi_taxonomy_id     9606 
_entity_src_gen.pdbx_gene_src_variant              ? 
_entity_src_gen.pdbx_gene_src_cell_line            ? 
_entity_src_gen.pdbx_gene_src_atcc                 ? 
_entity_src_gen.pdbx_gene_src_organ                ? 
_entity_src_gen.pdbx_gene_src_organelle            ? 
_entity_src_gen.pdbx_gene_src_cell                 ? 
_entity_src_gen.pdbx_gene_src_cellular_location    ? 
_entity_src_gen.host_org_common_name               ? 
_entity_src_gen.pdbx_host_org_scientific_name      'Escherichia coli BL21' 
_entity_src_gen.pdbx_host_org_ncbi_taxonomy_id     511693 
_entity_src_gen.host_org_genus                     Escherichia 
_entity_src_gen.pdbx_host_org_gene                 ? 
_entity_src_gen.pdbx_host_org_organ                ? 
_entity_src_gen.host_org_species                   'Escherichia coli' 
_entity_src_gen.pdbx_host_org_tissue               ? 
_entity_src_gen.pdbx_host_org_tissue_fraction      ? 
_entity_src_gen.pdbx_host_org_strain               BL21 
_entity_src_gen.pdbx_host_org_variant              ? 
_entity_src_gen.pdbx_host_org_cell_line            ? 
_entity_src_gen.pdbx_host_org_atcc                 ? 
_entity_src_gen.pdbx_host_org_culture_collection   ? 
_entity_src_gen.pdbx_host_org_cell                 ? 
_entity_src_gen.pdbx_host_org_organelle            ? 
_entity_src_gen.pdbx_host_org_cellular_location    ? 
_entity_src_gen.pdbx_host_org_vector_type          PLASMID 
_entity_src_gen.pdbx_host_org_vector               ? 
_entity_src_gen.host_org_details                   ? 
_entity_src_gen.expression_system_id               ? 
_entity_src_gen.plasmid_name                       pGEX4T 
_entity_src_gen.plasmid_details                    ? 
_entity_src_gen.pdbx_description                   ? 
# 
_struct_ref.id                         1 
_struct_ref.db_name                    UNP 
_struct_ref.db_code                    REST_HUMAN 
_struct_ref.pdbx_db_accession          P30622 
_struct_ref.entity_id                  1 
_struct_ref.pdbx_seq_one_letter_code   
;ELKIGDRVLVGGTKAGVVRFLGETDFAKGEWCGVELDEPLGKNDGAVAGTRYFQCQPKYGLFAPVHKVTKIGFPSTTPAK
AKANAVRRVM
;
_struct_ref.pdbx_align_begin           211 
_struct_ref.pdbx_db_isoform            ? 
# 
_struct_ref_seq.align_id                      1 
_struct_ref_seq.ref_id                        1 
_struct_ref_seq.pdbx_PDB_id_code              2E3H 
_struct_ref_seq.pdbx_strand_id                A 
_struct_ref_seq.seq_align_beg                 1 
_struct_ref_seq.pdbx_seq_align_beg_ins_code   ? 
_struct_ref_seq.seq_align_end                 90 
_struct_ref_seq.pdbx_seq_align_end_ins_code   ? 
_struct_ref_seq.pdbx_db_accession             P30622 
_struct_ref_seq.db_align_beg                  211 
_struct_ref_seq.pdbx_db_align_beg_ins_code    ? 
_struct_ref_seq.db_align_end                  300 
_struct_ref_seq.pdbx_db_align_end_ins_code    ? 
_struct_ref_seq.pdbx_auth_seq_align_beg       211 
_struct_ref_seq.pdbx_auth_seq_align_end       300 
# 
loop_
_chem_comp.id 
_chem_comp.type 
_chem_comp.mon_nstd_flag 
_chem_comp.name 
_chem_comp.pdbx_synonyms 
_chem_comp.formula 
_chem_comp.formula_weight 
ALA 'L-peptide linking' y ALANINE         ? 'C3 H7 N O2'     89.093  
ARG 'L-peptide linking' y ARGININE        ? 'C6 H15 N4 O2 1' 175.209 
ASN 'L-peptide linking' y ASPARAGINE      ? 'C4 H8 N2 O3'    132.118 
ASP 'L-peptide linking' y 'ASPARTIC ACID' ? 'C4 H7 N O4'     133.103 
CYS 'L-peptide linking' y CYSTEINE        ? 'C3 H7 N O2 S'   121.158 
GLN 'L-peptide linking' y GLUTAMINE       ? 'C5 H10 N2 O3'   146.144 
GLU 'L-peptide linking' y 'GLUTAMIC ACID' ? 'C5 H9 N O4'     147.129 
GLY 'peptide linking'   y GLYCINE         ? 'C2 H5 N O2'     75.067  
HIS 'L-peptide linking' y HISTIDINE       ? 'C6 H10 N3 O2 1' 156.162 
HOH non-polymer         . WATER           ? 'H2 O'           18.015  
ILE 'L-peptide linking' y ISOLEUCINE      ? 'C6 H13 N O2'    131.173 
LEU 'L-peptide linking' y LEUCINE         ? 'C6 H13 N O2'    131.173 
LYS 'L-peptide linking' y LYSINE          ? 'C6 H15 N2 O2 1' 147.195 
MET 'L-peptide linking' y METHIONINE      ? 'C5 H11 N O2 S'  149.211 
PHE 'L-peptide linking' y PHENYLALANINE   ? 'C9 H11 N O2'    165.189 
PRO 'L-peptide linking' y PROLINE         ? 'C5 H9 N O2'     115.130 
SER 'L-peptide linking' y SERINE          ? 'C3 H7 N O3'     105.093 
THR 'L-peptide linking' y THREONINE       ? 'C4 H9 N O3'     119.119 
TRP 'L-peptide linking' y TRYPTOPHAN      ? 'C11 H12 N2 O2'  204.225 
TYR 'L-peptide linking' y TYROSINE        ? 'C9 H11 N O3'    181.189 
VAL 'L-peptide linking' y VALINE          ? 'C5 H11 N O2'    117.146 
# 
_exptl.entry_id          2E3H 
_exptl.method            'X-RAY DIFFRACTION' 
_exptl.crystals_number   1 
# 
_exptl_crystal.id                    1 
_exptl_crystal.density_meas          ? 
_exptl_crystal.density_Matthews      2.58 
_exptl_crystal.density_percent_sol   52.24 
_exptl_crystal.description           ? 
_exptl_crystal.F_000                 ? 
_exptl_crystal.preparation           ? 
# 
_exptl_crystal_grow.crystal_id      1 
_exptl_crystal_grow.method          'VAPOR DIFFUSION, HANGING DROP' 
_exptl_crystal_grow.temp            293 
_exptl_crystal_grow.temp_details    ? 
_exptl_crystal_grow.pH              7.5 
_exptl_crystal_grow.pdbx_details    'pH 7.5, VAPOR DIFFUSION, HANGING DROP, temperature 293K' 
_exptl_crystal_grow.pdbx_pH_range   . 
# 
_diffrn.id                     1 
_diffrn.ambient_temp           100 
_diffrn.ambient_temp_details   ? 
_diffrn.crystal_id             1 
# 
_diffrn_detector.diffrn_id              1 
_diffrn_detector.detector               'IMAGE PLATE' 
_diffrn_detector.type                   'MAC Science DIP-2040' 
_diffrn_detector.pdbx_collection_date   2004-02-08 
_diffrn_detector.details                ? 
# 
_diffrn_radiation.diffrn_id                        1 
_diffrn_radiation.wavelength_id                    1 
_diffrn_radiation.pdbx_monochromatic_or_laue_m_l   M 
_diffrn_radiation.monochromator                    ? 
_diffrn_radiation.pdbx_diffrn_protocol             'SINGLE WAVELENGTH' 
_diffrn_radiation.pdbx_scattering_type             x-ray 
# 
_diffrn_radiation_wavelength.id           1 
_diffrn_radiation_wavelength.wavelength   0.9 
_diffrn_radiation_wavelength.wt           1.0 
# 
_diffrn_source.diffrn_id                   1 
_diffrn_source.source                      SYNCHROTRON 
_diffrn_source.type                        'SPRING-8 BEAMLINE BL44XU' 
_diffrn_source.pdbx_synchrotron_site       SPring-8 
_diffrn_source.pdbx_synchrotron_beamline   BL44XU 
_diffrn_source.pdbx_wavelength             ? 
_diffrn_source.pdbx_wavelength_list        0.9 
# 
_reflns.entry_id                     2E3H 
_reflns.observed_criterion_sigma_F   ? 
_reflns.observed_criterion_sigma_I   ? 
_reflns.d_resolution_high            1.45 
_reflns.d_resolution_low             50.0 
_reflns.number_all                   ? 
_reflns.number_obs                   17953 
_reflns.percent_possible_obs         98.9 
_reflns.pdbx_Rmerge_I_obs            ? 
_reflns.pdbx_Rsym_value              0.042 
_reflns.pdbx_netI_over_sigmaI        44.3 
_reflns.B_iso_Wilson_estimate        ? 
_reflns.pdbx_redundancy              ? 
_reflns.R_free_details               ? 
_reflns.limit_h_max                  ? 
_reflns.limit_h_min                  ? 
_reflns.limit_k_max                  ? 
_reflns.limit_k_min                  ? 
_reflns.limit_l_max                  ? 
_reflns.limit_l_min                  ? 
_reflns.observed_criterion_F_max     ? 
_reflns.observed_criterion_F_min     ? 
_reflns.pdbx_chi_squared             ? 
_reflns.pdbx_scaling_rejects         ? 
_reflns.pdbx_diffrn_id               1 
_reflns.pdbx_ordinal                 1 
# 
_reflns_shell.d_res_high             1.45 
_reflns_shell.d_res_low              1.56 
_reflns_shell.percent_possible_all   100 
_reflns_shell.Rmerge_I_obs           ? 
_reflns_shell.pdbx_Rsym_value        0.107 
_reflns_shell.meanI_over_sigI_obs    11.5 
_reflns_shell.pdbx_redundancy        ? 
_reflns_shell.percent_possible_obs   ? 
_reflns_shell.number_unique_all      ? 
_reflns_shell.number_measured_all    ? 
_reflns_shell.number_measured_obs    ? 
_reflns_shell.number_unique_obs      ? 
_reflns_shell.pdbx_chi_squared       ? 
_reflns_shell.pdbx_diffrn_id         ? 
_reflns_shell.pdbx_ordinal           1 
# 
_refine.entry_id                                 2E3H 
_refine.ls_number_reflns_obs                     17032 
_refine.ls_number_reflns_all                     ? 
_refine.pdbx_ls_sigma_I                          ? 
_refine.pdbx_ls_sigma_F                          ? 
_refine.pdbx_data_cutoff_high_absF               ? 
_refine.pdbx_data_cutoff_low_absF                ? 
_refine.pdbx_data_cutoff_high_rms_absF           ? 
_refine.ls_d_res_low                             47.67 
_refine.ls_d_res_high                            1.45 
_refine.ls_percent_reflns_obs                    98.97 
_refine.ls_R_factor_obs                          0.19281 
_refine.ls_R_factor_all                          ? 
_refine.ls_R_factor_R_work                       0.19168 
_refine.ls_R_factor_R_free                       0.21483 
_refine.ls_R_factor_R_free_error                 ? 
_refine.ls_R_factor_R_free_error_details         ? 
_refine.ls_percent_reflns_R_free                 5.1 
_refine.ls_number_reflns_R_free                  915 
_refine.ls_number_parameters                     ? 
_refine.ls_number_restraints                     ? 
_refine.occupancy_min                            ? 
_refine.occupancy_max                            ? 
_refine.correlation_coeff_Fo_to_Fc               0.961 
_refine.correlation_coeff_Fo_to_Fc_free          0.951 
_refine.B_iso_mean                               22.472 
_refine.aniso_B[1][1]                            -0.22 
_refine.aniso_B[2][2]                            -0.22 
_refine.aniso_B[3][3]                            0.33 
_refine.aniso_B[1][2]                            -0.11 
_refine.aniso_B[1][3]                            0.00 
_refine.aniso_B[2][3]                            0.00 
_refine.solvent_model_details                    MASK 
_refine.solvent_model_param_ksol                 ? 
_refine.solvent_model_param_bsol                 ? 
_refine.pdbx_solvent_vdw_probe_radii             1.40 
_refine.pdbx_solvent_ion_probe_radii             0.80 
_refine.pdbx_solvent_shrinkage_radii             0.80 
_refine.pdbx_ls_cross_valid_method               THROUGHOUT 
_refine.details                                  'HYDROGENS HAVE BEEN ADDED IN THE RIDING POSITIONS' 
_refine.pdbx_starting_model                      1LPL 
_refine.pdbx_method_to_determine_struct          'MOLECULAR REPLACEMENT' 
_refine.pdbx_isotropic_thermal_model             ? 
_refine.pdbx_stereochemistry_target_values       'MAXIMUM LIKELIHOOD' 
_refine.pdbx_stereochem_target_val_spec_case     ? 
_refine.pdbx_R_Free_selection_details            RANDOM 
_refine.pdbx_overall_ESU_R                       0.067 
_refine.pdbx_overall_ESU_R_Free                  0.068 
_refine.overall_SU_ML                            0.037 
_refine.overall_SU_B                             0.922 
_refine.ls_redundancy_reflns_obs                 ? 
_refine.B_iso_min                                ? 
_refine.B_iso_max                                ? 
_refine.overall_SU_R_Cruickshank_DPI             ? 
_refine.overall_SU_R_free                        ? 
_refine.ls_wR_factor_R_free                      ? 
_refine.ls_wR_factor_R_work                      ? 
_refine.overall_FOM_free_R_set                   ? 
_refine.overall_FOM_work_R_set                   ? 
_refine.pdbx_refine_id                           'X-RAY DIFFRACTION' 
_refine.pdbx_diffrn_id                           1 
_refine.pdbx_TLS_residual_ADP_flag               ? 
_refine.pdbx_overall_phase_error                 ? 
_refine.pdbx_overall_SU_R_free_Cruickshank_DPI   ? 
_refine.pdbx_overall_SU_R_Blow_DPI               ? 
_refine.pdbx_overall_SU_R_free_Blow_DPI          ? 
# 
_refine_hist.pdbx_refine_id                   'X-RAY DIFFRACTION' 
_refine_hist.cycle_id                         LAST 
_refine_hist.pdbx_number_atoms_protein        651 
_refine_hist.pdbx_number_atoms_nucleic_acid   0 
_refine_hist.pdbx_number_atoms_ligand         0 
_refine_hist.number_atoms_solvent             119 
_refine_hist.number_atoms_total               770 
_refine_hist.d_res_high                       1.45 
_refine_hist.d_res_low                        47.67 
# 
loop_
_refine_ls_restr.type 
_refine_ls_restr.dev_ideal 
_refine_ls_restr.dev_ideal_target 
_refine_ls_restr.weight 
_refine_ls_restr.number 
_refine_ls_restr.pdbx_refine_id 
_refine_ls_restr.pdbx_restraint_function 
r_bond_refined_d             0.011  0.022  ? 663 'X-RAY DIFFRACTION' ? 
r_bond_other_d               ?      ?      ? ?   'X-RAY DIFFRACTION' ? 
r_angle_refined_deg          1.356  1.969  ? 891 'X-RAY DIFFRACTION' ? 
r_angle_other_deg            ?      ?      ? ?   'X-RAY DIFFRACTION' ? 
r_dihedral_angle_1_deg       6.281  5.000  ? 79  'X-RAY DIFFRACTION' ? 
r_dihedral_angle_2_deg       28.725 22.759 ? 29  'X-RAY DIFFRACTION' ? 
r_dihedral_angle_3_deg       14.253 15.000 ? 124 'X-RAY DIFFRACTION' ? 
r_dihedral_angle_4_deg       17.419 15.000 ? 6   'X-RAY DIFFRACTION' ? 
r_chiral_restr               0.092  0.200  ? 100 'X-RAY DIFFRACTION' ? 
r_gen_planes_refined         0.006  0.020  ? 485 'X-RAY DIFFRACTION' ? 
r_gen_planes_other           ?      ?      ? ?   'X-RAY DIFFRACTION' ? 
r_nbd_refined                0.199  0.200  ? 275 'X-RAY DIFFRACTION' ? 
r_nbd_other                  ?      ?      ? ?   'X-RAY DIFFRACTION' ? 
r_nbtor_refined              0.310  0.200  ? 437 'X-RAY DIFFRACTION' ? 
r_nbtor_other                ?      ?      ? ?   'X-RAY DIFFRACTION' ? 
r_xyhbond_nbd_refined        0.157  0.200  ? 97  'X-RAY DIFFRACTION' ? 
r_xyhbond_nbd_other          ?      ?      ? ?   'X-RAY DIFFRACTION' ? 
r_metal_ion_refined          ?      ?      ? ?   'X-RAY DIFFRACTION' ? 
r_metal_ion_other            ?      ?      ? ?   'X-RAY DIFFRACTION' ? 
r_symmetry_vdw_refined       0.173  0.200  ? 48  'X-RAY DIFFRACTION' ? 
r_symmetry_vdw_other         ?      ?      ? ?   'X-RAY DIFFRACTION' ? 
r_symmetry_hbond_refined     0.125  0.200  ? 18  'X-RAY DIFFRACTION' ? 
r_symmetry_hbond_other       ?      ?      ? ?   'X-RAY DIFFRACTION' ? 
r_symmetry_metal_ion_refined ?      ?      ? ?   'X-RAY DIFFRACTION' ? 
r_symmetry_metal_ion_other   ?      ?      ? ?   'X-RAY DIFFRACTION' ? 
r_mcbond_it                  1.221  1.500  ? 413 'X-RAY DIFFRACTION' ? 
r_mcbond_other               ?      ?      ? ?   'X-RAY DIFFRACTION' ? 
r_mcangle_it                 1.849  2.000  ? 652 'X-RAY DIFFRACTION' ? 
r_scbond_it                  2.464  3.000  ? 279 'X-RAY DIFFRACTION' ? 
r_scangle_it                 3.574  4.500  ? 239 'X-RAY DIFFRACTION' ? 
r_rigid_bond_restr           ?      ?      ? ?   'X-RAY DIFFRACTION' ? 
r_sphericity_free            ?      ?      ? ?   'X-RAY DIFFRACTION' ? 
r_sphericity_bonded          ?      ?      ? ?   'X-RAY DIFFRACTION' ? 
# 
_refine_ls_shell.pdbx_total_number_of_bins_used   20 
_refine_ls_shell.d_res_high                       1.451 
_refine_ls_shell.d_res_low                        1.488 
_refine_ls_shell.number_reflns_R_work             1262 
_refine_ls_shell.R_factor_R_work                  0.199 
_refine_ls_shell.percent_reflns_obs               99.92 
_refine_ls_shell.R_factor_R_free                  0.245 
_refine_ls_shell.R_factor_R_free_error            ? 
_refine_ls_shell.percent_reflns_R_free            ? 
_refine_ls_shell.number_reflns_R_free             68 
_refine_ls_shell.number_reflns_all                ? 
_refine_ls_shell.R_factor_all                     ? 
_refine_ls_shell.number_reflns_obs                ? 
_refine_ls_shell.redundancy_reflns_obs            ? 
_refine_ls_shell.pdbx_refine_id                   'X-RAY DIFFRACTION' 
# 
_struct.entry_id                  2E3H 
_struct.title                     'Crystal structure of the CLIP-170 CAP-Gly domain 2' 
_struct.pdbx_model_details        ? 
_struct.pdbx_CASP_flag            ? 
_struct.pdbx_model_type_details   ? 
# 
_struct_keywords.entry_id        2E3H 
_struct_keywords.pdbx_keywords   'STRUCTURAL PROTEIN' 
_struct_keywords.text            'CAP-Gly, Cytoplasmic linker, tubulin binding, STRUCTURAL PROTEIN' 
# 
loop_
_struct_asym.id 
_struct_asym.pdbx_blank_PDB_chainid_flag 
_struct_asym.pdbx_modified 
_struct_asym.entity_id 
_struct_asym.details 
A N N 1 ? 
B N N 2 ? 
# 
loop_
_struct_sheet.id 
_struct_sheet.type 
_struct_sheet.number_strands 
_struct_sheet.details 
A ? 5 ? 
B ? 2 ? 
# 
loop_
_struct_sheet_order.sheet_id 
_struct_sheet_order.range_id_1 
_struct_sheet_order.range_id_2 
_struct_sheet_order.offset 
_struct_sheet_order.sense 
A 1 2 ? anti-parallel 
A 2 3 ? anti-parallel 
A 3 4 ? anti-parallel 
A 4 5 ? anti-parallel 
B 1 2 ? anti-parallel 
# 
loop_
_struct_sheet_range.sheet_id 
_struct_sheet_range.id 
_struct_sheet_range.beg_label_comp_id 
_struct_sheet_range.beg_label_asym_id 
_struct_sheet_range.beg_label_seq_id 
_struct_sheet_range.pdbx_beg_PDB_ins_code 
_struct_sheet_range.end_label_comp_id 
_struct_sheet_range.end_label_asym_id 
_struct_sheet_range.end_label_seq_id 
_struct_sheet_range.pdbx_end_PDB_ins_code 
_struct_sheet_range.beg_auth_comp_id 
_struct_sheet_range.beg_auth_asym_id 
_struct_sheet_range.beg_auth_seq_id 
_struct_sheet_range.end_auth_comp_id 
_struct_sheet_range.end_auth_asym_id 
_struct_sheet_range.end_auth_seq_id 
A 1 GLY A 60 ? PRO A 64 ? GLY A 270 PRO A 274 
A 2 GLU A 30 ? LEU A 36 ? GLU A 240 LEU A 246 
A 3 LYS A 14 ? GLU A 23 ? LYS A 224 GLU A 233 
A 4 ARG A 7  ? VAL A 10 ? ARG A 217 VAL A 220 
A 5 VAL A 68 ? LYS A 70 ? VAL A 278 LYS A 280 
B 1 ALA A 46 ? VAL A 47 ? ALA A 256 VAL A 257 
B 2 THR A 50 ? ARG A 51 ? THR A 260 ARG A 261 
# 
loop_
_pdbx_struct_sheet_hbond.sheet_id 
_pdbx_struct_sheet_hbond.range_id_1 
_pdbx_struct_sheet_hbond.range_id_2 
_pdbx_struct_sheet_hbond.range_1_label_atom_id 
_pdbx_struct_sheet_hbond.range_1_label_comp_id 
_pdbx_struct_sheet_hbond.range_1_label_asym_id 
_pdbx_struct_sheet_hbond.range_1_label_seq_id 
_pdbx_struct_sheet_hbond.range_1_PDB_ins_code 
_pdbx_struct_sheet_hbond.range_1_auth_atom_id 
_pdbx_struct_sheet_hbond.range_1_auth_comp_id 
_pdbx_struct_sheet_hbond.range_1_auth_asym_id 
_pdbx_struct_sheet_hbond.range_1_auth_seq_id 
_pdbx_struct_sheet_hbond.range_2_label_atom_id 
_pdbx_struct_sheet_hbond.range_2_label_comp_id 
_pdbx_struct_sheet_hbond.range_2_label_asym_id 
_pdbx_struct_sheet_hbond.range_2_label_seq_id 
_pdbx_struct_sheet_hbond.range_2_PDB_ins_code 
_pdbx_struct_sheet_hbond.range_2_auth_atom_id 
_pdbx_struct_sheet_hbond.range_2_auth_comp_id 
_pdbx_struct_sheet_hbond.range_2_auth_asym_id 
_pdbx_struct_sheet_hbond.range_2_auth_seq_id 
A 1 2 O LEU A 61 ? O LEU A 271 N VAL A 34 ? N VAL A 244 
A 2 3 O GLY A 33 ? O GLY A 243 N ARG A 19 ? N ARG A 229 
A 3 4 O GLY A 16 ? O GLY A 226 N VAL A 8  ? N VAL A 218 
A 4 5 N LEU A 9  ? N LEU A 219 O THR A 69 ? O THR A 279 
B 1 2 N VAL A 47 ? N VAL A 257 O THR A 50 ? O THR A 260 
# 
_atom_sites.entry_id                    2E3H 
_atom_sites.fract_transf_matrix[1][1]   -0.00008459 
_atom_sites.fract_transf_matrix[1][2]   0.02101360 
_atom_sites.fract_transf_matrix[1][3]   0.00045807 
_atom_sites.fract_transf_matrix[2][1]   -0.00205601 
_atom_sites.fract_transf_matrix[2][2]   0.01089271 
_atom_sites.fract_transf_matrix[2][3]   -0.01785833 
_atom_sites.fract_transf_matrix[3][1]   -0.01735369 
_atom_sites.fract_transf_matrix[3][2]   -0.00011192 
_atom_sites.fract_transf_matrix[3][3]   0.00192964 
_atom_sites.fract_transf_vector[1]      0.529946 
_atom_sites.fract_transf_vector[2]      0.188794 
_atom_sites.fract_transf_vector[3]      0.272200 
# 
loop_
_atom_type.symbol 
C 
N 
O 
S 
# 
loop_
_atom_site.group_PDB 
_atom_site.id 
_atom_site.type_symbol 
_atom_site.label_atom_id 
_atom_site.label_alt_id 
_atom_site.label_comp_id 
_atom_site.label_asym_id 
_atom_site.label_entity_id 
_atom_site.label_seq_id 
_atom_site.pdbx_PDB_ins_code 
_atom_site.Cartn_x 
_atom_site.Cartn_y 
_atom_site.Cartn_z 
_atom_site.occupancy 
_atom_site.B_iso_or_equiv 
_atom_site.pdbx_formal_charge 
_atom_site.auth_seq_id 
_atom_site.auth_comp_id 
_atom_site.auth_asym_id 
_atom_site.auth_atom_id 
_atom_site.pdbx_PDB_model_num 
ATOM   1   N N   . GLU A 1 1  ? 9.741   -7.426  -9.331  1.00 34.50 ? 211 GLU A N   1 
ATOM   2   C CA  . GLU A 1 1  ? 8.292   -7.445  -8.979  1.00 34.11 ? 211 GLU A CA  1 
ATOM   3   C C   . GLU A 1 1  ? 8.112   -7.298  -7.471  1.00 32.11 ? 211 GLU A C   1 
ATOM   4   O O   . GLU A 1 1  ? 8.994   -7.672  -6.689  1.00 32.73 ? 211 GLU A O   1 
ATOM   5   C CB  . GLU A 1 1  ? 7.621   -8.739  -9.459  1.00 34.32 ? 211 GLU A CB  1 
ATOM   6   C CG  . GLU A 1 1  ? 8.091   -10.002 -8.746  1.00 36.68 ? 211 GLU A CG  1 
ATOM   7   C CD  . GLU A 1 1  ? 7.190   -11.201 -8.990  1.00 36.86 ? 211 GLU A CD  1 
ATOM   8   O OE1 . GLU A 1 1  ? 6.211   -11.083 -9.766  1.00 41.40 ? 211 GLU A OE1 1 
ATOM   9   O OE2 . GLU A 1 1  ? 7.460   -12.270 -8.397  1.00 41.21 ? 211 GLU A OE2 1 
ATOM   10  N N   . LEU A 1 2  ? 6.960   -6.767  -7.073  1.00 29.72 ? 212 LEU A N   1 
ATOM   11  C CA  . LEU A 1 2  ? 6.692   -6.522  -5.666  1.00 27.15 ? 212 LEU A CA  1 
ATOM   12  C C   . LEU A 1 2  ? 6.443   -7.811  -4.906  1.00 25.48 ? 212 LEU A C   1 
ATOM   13  O O   . LEU A 1 2  ? 5.787   -8.736  -5.398  1.00 25.03 ? 212 LEU A O   1 
ATOM   14  C CB  . LEU A 1 2  ? 5.500   -5.572  -5.479  1.00 27.18 ? 212 LEU A CB  1 
ATOM   15  C CG  . LEU A 1 2  ? 5.560   -4.164  -6.073  1.00 27.93 ? 212 LEU A CG  1 
ATOM   16  C CD1 . LEU A 1 2  ? 4.189   -3.530  -5.979  1.00 29.51 ? 212 LEU A CD1 1 
ATOM   17  C CD2 . LEU A 1 2  ? 6.586   -3.294  -5.372  1.00 28.71 ? 212 LEU A CD2 1 
ATOM   18  N N   . LYS A 1 3  ? 6.955   -7.830  -3.683  1.00 23.42 ? 213 LYS A N   1 
ATOM   19  C CA  . LYS A 1 3  ? 6.809   -8.947  -2.759  1.00 22.66 ? 213 LYS A CA  1 
ATOM   20  C C   . LYS A 1 3  ? 6.331   -8.419  -1.414  1.00 21.07 ? 213 LYS A C   1 
ATOM   21  O O   . LYS A 1 3  ? 6.652   -7.295  -1.029  1.00 19.43 ? 213 LYS A O   1 
ATOM   22  C CB  . LYS A 1 3  ? 8.158   -9.652  -2.535  1.00 23.35 ? 213 LYS A CB  1 
ATOM   23  C CG  . LYS A 1 3  ? 8.696   -10.422 -3.721  1.00 27.10 ? 213 LYS A CG  1 
ATOM   24  C CD  . LYS A 1 3  ? 10.090  -10.922 -3.410  1.00 31.78 ? 213 LYS A CD  1 
ATOM   25  C CE  . LYS A 1 3  ? 10.610  -11.856 -4.488  1.00 35.22 ? 213 LYS A CE  1 
ATOM   26  N NZ  . LYS A 1 3  ? 12.077  -12.076 -4.355  1.00 38.17 ? 213 LYS A NZ  1 
ATOM   27  N N   . ILE A 1 4  ? 5.585   -9.242  -0.686  1.00 19.71 ? 214 ILE A N   1 
ATOM   28  C CA  . ILE A 1 4  ? 5.297   -8.936  0.708   1.00 18.87 ? 214 ILE A CA  1 
ATOM   29  C C   . ILE A 1 4  ? 6.638   -8.686  1.415   1.00 18.38 ? 214 ILE A C   1 
ATOM   30  O O   . ILE A 1 4  ? 7.641   -9.374  1.180   1.00 18.33 ? 214 ILE A O   1 
ATOM   31  C CB  . ILE A 1 4  ? 4.422   -10.022 1.381   1.00 19.51 ? 214 ILE A CB  1 
ATOM   32  C CG1 . ILE A 1 4  ? 2.986   -9.959  0.805   1.00 21.74 ? 214 ILE A CG1 1 
ATOM   33  C CG2 . ILE A 1 4  ? 4.422   -9.861  2.905   1.00 19.76 ? 214 ILE A CG2 1 
ATOM   34  C CD1 . ILE A 1 4  ? 2.188   -11.243 0.949   1.00 25.88 ? 214 ILE A CD1 1 
ATOM   35  N N   . GLY A 1 5  ? 6.655   -7.660  2.254   1.00 15.88 ? 215 GLY A N   1 
ATOM   36  C CA  . GLY A 1 5  ? 7.868   -7.267  2.955   1.00 16.59 ? 215 GLY A CA  1 
ATOM   37  C C   . GLY A 1 5  ? 8.700   -6.185  2.302   1.00 16.34 ? 215 GLY A C   1 
ATOM   38  O O   . GLY A 1 5  ? 9.638   -5.663  2.917   1.00 16.90 ? 215 GLY A O   1 
ATOM   39  N N   . ASP A 1 6  ? 8.394   -5.834  1.054   1.00 15.98 ? 216 ASP A N   1 
ATOM   40  C CA  . ASP A 1 6  ? 9.169   -4.815  0.376   1.00 15.92 ? 216 ASP A CA  1 
ATOM   41  C C   . ASP A 1 6  ? 8.891   -3.416  0.900   1.00 14.77 ? 216 ASP A C   1 
ATOM   42  O O   . ASP A 1 6  ? 7.732   -3.092  1.237   1.00 15.17 ? 216 ASP A O   1 
ATOM   43  C CB  . ASP A 1 6  ? 8.877   -4.844  -1.128  1.00 16.47 ? 216 ASP A CB  1 
ATOM   44  C CG  . ASP A 1 6  ? 9.501   -6.042  -1.841  1.00 19.75 ? 216 ASP A CG  1 
ATOM   45  O OD1 . ASP A 1 6  ? 10.343  -6.782  -1.277  1.00 21.40 ? 216 ASP A OD1 1 
ATOM   46  O OD2 . ASP A 1 6  ? 9.131   -6.218  -3.012  1.00 21.04 ? 216 ASP A OD2 1 
ATOM   47  N N   . ARG A 1 7  ? 9.927   -2.584  0.952   0.50 11.87 ? 217 ARG A N   1 
ATOM   48  C CA  . ARG A 1 7  ? 9.805   -1.165  1.281   0.50 12.33 ? 217 ARG A CA  1 
ATOM   49  C C   . ARG A 1 7  ? 9.406   -0.413  0.037   0.50 11.84 ? 217 ARG A C   1 
ATOM   50  O O   . ARG A 1 7  ? 10.047  -0.540  -1.001  0.50 11.09 ? 217 ARG A O   1 
ATOM   51  C CB  A ARG A 1 7  ? 11.127  -0.641  1.831   0.50 13.30 ? 217 ARG A CB  1 
ATOM   52  C CB  B ARG A 1 7  ? 11.129  -0.569  1.793   0.50 14.23 ? 217 ARG A CB  1 
ATOM   53  C CG  A ARG A 1 7  ? 11.452  -1.256  3.193   0.50 10.84 ? 217 ARG A CG  1 
ATOM   54  C CG  B ARG A 1 7  ? 11.296  -0.625  3.315   0.50 17.91 ? 217 ARG A CG  1 
ATOM   55  C CD  A ARG A 1 7  ? 10.577  -0.627  4.318   0.50 10.37 ? 217 ARG A CD  1 
ATOM   56  C CD  B ARG A 1 7  ? 11.660  0.758   3.895   0.50 22.25 ? 217 ARG A CD  1 
ATOM   57  N NE  A ARG A 1 7  ? 10.757  0.824   4.442   0.50 9.87  ? 217 ARG A NE  1 
ATOM   58  N NE  B ARG A 1 7  ? 13.090  1.051   3.783   0.50 25.42 ? 217 ARG A NE  1 
ATOM   59  C CZ  A ARG A 1 7  ? 9.964   1.643   5.128   0.50 9.58  ? 217 ARG A CZ  1 
ATOM   60  C CZ  B ARG A 1 7  ? 13.625  2.271   3.783   0.50 25.17 ? 217 ARG A CZ  1 
ATOM   61  N NH1 A ARG A 1 7  ? 8.921   1.178   5.781   0.50 10.28 ? 217 ARG A NH1 1 
ATOM   62  N NH1 B ARG A 1 7  ? 12.878  3.355   3.872   0.50 26.88 ? 217 ARG A NH1 1 
ATOM   63  N NH2 A ARG A 1 7  ? 10.212  2.942   5.154   0.50 10.56 ? 217 ARG A NH2 1 
ATOM   64  N NH2 B ARG A 1 7  ? 14.934  2.399   3.687   0.50 27.89 ? 217 ARG A NH2 1 
ATOM   65  N N   . VAL A 1 8  ? 8.359   0.401   0.151   1.00 13.85 ? 218 VAL A N   1 
ATOM   66  C CA  . VAL A 1 8  ? 7.740   1.030   -1.008  1.00 14.67 ? 218 VAL A CA  1 
ATOM   67  C C   . VAL A 1 8  ? 7.301   2.457   -0.727  1.00 14.73 ? 218 VAL A C   1 
ATOM   68  O O   . VAL A 1 8  ? 7.145   2.864   0.435   1.00 14.89 ? 218 VAL A O   1 
ATOM   69  C CB  . VAL A 1 8  ? 6.500   0.229   -1.511  1.00 14.52 ? 218 VAL A CB  1 
ATOM   70  C CG1 . VAL A 1 8  ? 6.909   -1.148  -2.011  1.00 16.36 ? 218 VAL A CG1 1 
ATOM   71  C CG2 . VAL A 1 8  ? 5.423   0.145   -0.422  1.00 14.75 ? 218 VAL A CG2 1 
ATOM   72  N N   . LEU A 1 9  ? 7.051   3.193   -1.813  1.00 15.30 ? 219 LEU A N   1 
ATOM   73  C CA  . LEU A 1 9  ? 6.283   4.425   -1.787  1.00 15.89 ? 219 LEU A CA  1 
ATOM   74  C C   . LEU A 1 9  ? 4.942   4.177   -2.458  1.00 16.11 ? 219 LEU A C   1 
ATOM   75  O O   . LEU A 1 9  ? 4.864   3.462   -3.475  1.00 17.05 ? 219 LEU A O   1 
ATOM   76  C CB  . LEU A 1 9  ? 7.005   5.530   -2.563  1.00 17.16 ? 219 LEU A CB  1 
ATOM   77  C CG  . LEU A 1 9  ? 8.360   5.978   -2.033  1.00 18.42 ? 219 LEU A CG  1 
ATOM   78  C CD1 . LEU A 1 9  ? 8.942   7.032   -2.945  1.00 20.53 ? 219 LEU A CD1 1 
ATOM   79  C CD2 . LEU A 1 9  ? 8.232   6.517   -0.633  1.00 22.41 ? 219 LEU A CD2 1 
ATOM   80  N N   . VAL A 1 10 ? 3.900   4.760   -1.879  1.00 16.17 ? 220 VAL A N   1 
ATOM   81  C CA  . VAL A 1 10 ? 2.580   4.770   -2.505  1.00 16.88 ? 220 VAL A CA  1 
ATOM   82  C C   . VAL A 1 10 ? 2.353   6.149   -3.143  1.00 16.71 ? 220 VAL A C   1 
ATOM   83  O O   . VAL A 1 10 ? 2.467   7.164   -2.473  1.00 17.54 ? 220 VAL A O   1 
ATOM   84  C CB  . VAL A 1 10 ? 1.466   4.469   -1.492  1.00 16.58 ? 220 VAL A CB  1 
ATOM   85  C CG1 . VAL A 1 10 ? 0.117   4.429   -2.190  1.00 18.23 ? 220 VAL A CG1 1 
ATOM   86  C CG2 . VAL A 1 10 ? 1.753   3.142   -0.751  1.00 18.53 ? 220 VAL A CG2 1 
ATOM   87  N N   . GLY A 1 11 ? 2.087   6.159   -4.450  1.00 17.48 ? 221 GLY A N   1 
ATOM   88  C CA  . GLY A 1 11 ? 1.868   7.409   -5.169  1.00 18.15 ? 221 GLY A CA  1 
ATOM   89  C C   . GLY A 1 11 ? 3.097   8.309   -5.167  1.00 17.63 ? 221 GLY A C   1 
ATOM   90  O O   . GLY A 1 11 ? 2.986   9.515   -5.375  1.00 18.59 ? 221 GLY A O   1 
ATOM   91  N N   . GLY A 1 12 ? 4.265   7.720   -4.924  1.00 17.38 ? 222 GLY A N   1 
ATOM   92  C CA  . GLY A 1 12 ? 5.493   8.492   -4.798  1.00 17.73 ? 222 GLY A CA  1 
ATOM   93  C C   . GLY A 1 12 ? 5.586   9.378   -3.559  1.00 16.98 ? 222 GLY A C   1 
ATOM   94  O O   . GLY A 1 12 ? 6.538   10.126  -3.444  1.00 17.73 ? 222 GLY A O   1 
ATOM   95  N N   . THR A 1 13 ? 4.618   9.330   -2.637  1.00 16.30 ? 223 THR A N   1 
ATOM   96  C CA  . THR A 1 13 ? 4.563   10.307  -1.547  1.00 16.55 ? 223 THR A CA  1 
ATOM   97  C C   . THR A 1 13 ? 4.595   9.753   -0.120  1.00 16.61 ? 223 THR A C   1 
ATOM   98  O O   . THR A 1 13 ? 4.875   10.511  0.802   1.00 17.73 ? 223 THR A O   1 
ATOM   99  C CB  . THR A 1 13 ? 3.319   11.211  -1.652  1.00 17.54 ? 223 THR A CB  1 
ATOM   100 O OG1 . THR A 1 13 ? 2.143   10.403  -1.612  1.00 20.16 ? 223 THR A OG1 1 
ATOM   101 C CG2 . THR A 1 13 ? 3.345   12.009  -2.933  1.00 17.52 ? 223 THR A CG2 1 
ATOM   102 N N   . LYS A 1 14 ? 4.287   8.469   0.062   0.50 13.85 ? 224 LYS A N   1 
ATOM   103 C CA  . LYS A 1 14 ? 4.076   7.903   1.407   0.50 14.67 ? 224 LYS A CA  1 
ATOM   104 C C   . LYS A 1 14 ? 4.855   6.588   1.506   0.50 13.12 ? 224 LYS A C   1 
ATOM   105 O O   . LYS A 1 14 ? 4.607   5.685   0.720   0.50 11.98 ? 224 LYS A O   1 
ATOM   106 C CB  A LYS A 1 14 ? 2.586   7.625   1.652   0.50 15.34 ? 224 LYS A CB  1 
ATOM   107 C CB  B LYS A 1 14 ? 2.584   7.671   1.672   0.50 15.51 ? 224 LYS A CB  1 
ATOM   108 C CG  A LYS A 1 14 ? 1.651   8.826   1.495   0.50 16.02 ? 224 LYS A CG  1 
ATOM   109 C CG  B LYS A 1 14 ? 1.748   8.950   1.811   0.50 17.20 ? 224 LYS A CG  1 
ATOM   110 C CD  A LYS A 1 14 ? 0.184   8.408   1.582   0.50 15.96 ? 224 LYS A CD  1 
ATOM   111 C CD  B LYS A 1 14 ? 0.247   8.652   1.814   0.50 17.61 ? 224 LYS A CD  1 
ATOM   112 C CE  A LYS A 1 14 ? -0.728  9.617   1.578   0.50 16.30 ? 224 LYS A CE  1 
ATOM   113 C CE  B LYS A 1 14 ? -0.402  8.892   0.450   0.50 22.87 ? 224 LYS A CE  1 
ATOM   114 N NZ  A LYS A 1 14 ? -0.657  10.274  0.250   0.50 16.59 ? 224 LYS A NZ  1 
ATOM   115 N NZ  B LYS A 1 14 ? 0.146   8.102   -0.698  0.50 25.65 ? 224 LYS A NZ  1 
ATOM   116 N N   . ALA A 1 15 ? 5.802   6.489   2.439   1.00 14.75 ? 225 ALA A N   1 
ATOM   117 C CA  . ALA A 1 15 ? 6.612   5.270   2.567   1.00 14.08 ? 225 ALA A CA  1 
ATOM   118 C C   . ALA A 1 15 ? 5.966   4.227   3.475   1.00 14.27 ? 225 ALA A C   1 
ATOM   119 O O   . ALA A 1 15 ? 5.323   4.561   4.470   1.00 14.26 ? 225 ALA A O   1 
ATOM   120 C CB  . ALA A 1 15 ? 8.012   5.599   3.092   1.00 15.69 ? 225 ALA A CB  1 
ATOM   121 N N   . GLY A 1 16 ? 6.184   2.969   3.147   1.00 13.16 ? 226 GLY A N   1 
ATOM   122 C CA  . GLY A 1 16 ? 5.680   1.899   3.986   1.00 13.59 ? 226 GLY A CA  1 
ATOM   123 C C   . GLY A 1 16 ? 6.216   0.552   3.545   1.00 13.38 ? 226 GLY A C   1 
ATOM   124 O O   . GLY A 1 16 ? 7.184   0.470   2.768   1.00 13.50 ? 226 GLY A O   1 
ATOM   125 N N   . VAL A 1 17 ? 5.571   -0.500  4.045   1.00 12.73 ? 227 VAL A N   1 
ATOM   126 C CA  . VAL A 1 17 ? 5.952   -1.877  3.753   1.00 13.04 ? 227 VAL A CA  1 
ATOM   127 C C   . VAL A 1 17 ? 4.755   -2.652  3.190   1.00 13.19 ? 227 VAL A C   1 
ATOM   128 O O   . VAL A 1 17 ? 3.610   -2.457  3.645   1.00 13.38 ? 227 VAL A O   1 
ATOM   129 C CB  . VAL A 1 17 ? 6.525   -2.591  5.008   1.00 13.12 ? 227 VAL A CB  1 
ATOM   130 C CG1 . VAL A 1 17 ? 5.517   -2.695  6.108   1.00 13.77 ? 227 VAL A CG1 1 
ATOM   131 C CG2 . VAL A 1 17 ? 7.103   -3.971  4.659   1.00 15.31 ? 227 VAL A CG2 1 
ATOM   132 N N   . VAL A 1 18 ? 5.008   -3.510  2.207   1.00 13.95 ? 228 VAL A N   1 
ATOM   133 C CA  . VAL A 1 18 ? 3.948   -4.319  1.636   1.00 14.06 ? 228 VAL A CA  1 
ATOM   134 C C   . VAL A 1 18 ? 3.557   -5.395  2.652   1.00 13.81 ? 228 VAL A C   1 
ATOM   135 O O   . VAL A 1 18 ? 4.392   -6.221  3.055   1.00 14.67 ? 228 VAL A O   1 
ATOM   136 C CB  . VAL A 1 18 ? 4.388   -4.966  0.314   1.00 14.00 ? 228 VAL A CB  1 
ATOM   137 C CG1 . VAL A 1 18 ? 3.256   -5.842  -0.232  1.00 15.66 ? 228 VAL A CG1 1 
ATOM   138 C CG2 . VAL A 1 18 ? 4.772   -3.880  -0.694  1.00 14.86 ? 228 VAL A CG2 1 
ATOM   139 N N   . ARG A 1 19 ? 2.290   -5.387  3.049   1.00 14.14 ? 229 ARG A N   1 
ATOM   140 C CA  . ARG A 1 19 ? 1.763   -6.381  3.974   1.00 14.49 ? 229 ARG A CA  1 
ATOM   141 C C   . ARG A 1 19 ? 0.876   -7.405  3.286   1.00 15.16 ? 229 ARG A C   1 
ATOM   142 O O   . ARG A 1 19 ? 0.621   -8.476  3.845   1.00 15.73 ? 229 ARG A O   1 
ATOM   143 C CB  . ARG A 1 19 ? 0.921   -5.712  5.054   1.00 15.62 ? 229 ARG A CB  1 
ATOM   144 C CG  . ARG A 1 19 ? 1.623   -4.626  5.878   1.00 15.48 ? 229 ARG A CG  1 
ATOM   145 C CD  . ARG A 1 19 ? 2.671   -5.172  6.889   1.00 15.13 ? 229 ARG A CD  1 
ATOM   146 N NE  . ARG A 1 19 ? 2.135   -6.342  7.585   1.00 15.98 ? 229 ARG A NE  1 
ATOM   147 C CZ  . ARG A 1 19 ? 1.185   -6.327  8.521   1.00 15.64 ? 229 ARG A CZ  1 
ATOM   148 N NH1 . ARG A 1 19 ? 0.696   -5.201  9.024   1.00 15.62 ? 229 ARG A NH1 1 
ATOM   149 N NH2 . ARG A 1 19 ? 0.718   -7.478  8.972   1.00 18.17 ? 229 ARG A NH2 1 
ATOM   150 N N   . PHE A 1 20 ? 0.418   -7.084  2.076   1.00 14.34 ? 230 PHE A N   1 
ATOM   151 C CA  . PHE A 1 20 ? -0.598  -7.888  1.367   1.00 14.65 ? 230 PHE A CA  1 
ATOM   152 C C   . PHE A 1 20 ? -0.452  -7.638  -0.118  1.00 15.07 ? 230 PHE A C   1 
ATOM   153 O O   . PHE A 1 20 ? -0.219  -6.504  -0.549  1.00 14.60 ? 230 PHE A O   1 
ATOM   154 C CB  . PHE A 1 20 ? -2.004  -7.506  1.851   1.00 15.31 ? 230 PHE A CB  1 
ATOM   155 C CG  . PHE A 1 20 ? -3.125  -8.036  0.988   1.00 15.43 ? 230 PHE A CG  1 
ATOM   156 C CD1 . PHE A 1 20 ? -3.672  -9.303  1.215   1.00 16.84 ? 230 PHE A CD1 1 
ATOM   157 C CD2 . PHE A 1 20 ? -3.637  -7.260  -0.051  1.00 15.02 ? 230 PHE A CD2 1 
ATOM   158 C CE1 . PHE A 1 20 ? -4.720  -9.800  0.393   1.00 16.83 ? 230 PHE A CE1 1 
ATOM   159 C CE2 . PHE A 1 20 ? -4.688  -7.742  -0.881  1.00 15.81 ? 230 PHE A CE2 1 
ATOM   160 C CZ  . PHE A 1 20 ? -5.217  -8.998  -0.650  1.00 16.61 ? 230 PHE A CZ  1 
ATOM   161 N N   . LEU A 1 21 ? -0.598  -8.700  -0.908  1.00 15.32 ? 231 LEU A N   1 
ATOM   162 C CA  . LEU A 1 21 ? -0.622  -8.607  -2.363  1.00 17.22 ? 231 LEU A CA  1 
ATOM   163 C C   . LEU A 1 21 ? -1.598  -9.640  -2.864  1.00 17.21 ? 231 LEU A C   1 
ATOM   164 O O   . LEU A 1 21 ? -1.362  -10.826 -2.724  1.00 18.80 ? 231 LEU A O   1 
ATOM   165 C CB  . LEU A 1 21 ? 0.743   -8.944  -2.941  1.00 19.19 ? 231 LEU A CB  1 
ATOM   166 C CG  . LEU A 1 21 ? 1.796   -7.865  -3.051  1.00 22.87 ? 231 LEU A CG  1 
ATOM   167 C CD1 . LEU A 1 21 ? 3.126   -8.540  -3.354  1.00 25.35 ? 231 LEU A CD1 1 
ATOM   168 C CD2 . LEU A 1 21 ? 1.466   -6.871  -4.156  1.00 24.96 ? 231 LEU A CD2 1 
ATOM   169 N N   . GLY A 1 22 ? -2.710  -9.207  -3.433  1.00 16.41 ? 232 GLY A N   1 
ATOM   170 C CA  . GLY A 1 22 ? -3.701  -10.170 -3.898  1.00 17.72 ? 232 GLY A CA  1 
ATOM   171 C C   . GLY A 1 22 ? -5.001  -9.559  -4.353  1.00 18.12 ? 232 GLY A C   1 
ATOM   172 O O   . GLY A 1 22 ? -5.162  -8.334  -4.450  1.00 17.60 ? 232 GLY A O   1 
ATOM   173 N N   . GLU A 1 23 ? -5.928  -10.444 -4.643  1.00 18.35 ? 233 GLU A N   1 
ATOM   174 C CA  . GLU A 1 23 ? -7.262  -10.030 -5.054  1.00 19.72 ? 233 GLU A CA  1 
ATOM   175 C C   . GLU A 1 23 ? -8.054  -9.517  -3.862  1.00 17.83 ? 233 GLU A C   1 
ATOM   176 O O   . GLU A 1 23 ? -7.796  -9.887  -2.706  1.00 18.22 ? 233 GLU A O   1 
ATOM   177 C CB  . GLU A 1 23 ? -7.974  -11.193 -5.761  1.00 20.23 ? 233 GLU A CB  1 
ATOM   178 C CG  . GLU A 1 23 ? -7.338  -11.515 -7.124  1.00 24.17 ? 233 GLU A CG  1 
ATOM   179 C CD  . GLU A 1 23 ? -8.158  -12.465 -7.979  1.00 25.56 ? 233 GLU A CD  1 
ATOM   180 O OE1 . GLU A 1 23 ? -7.542  -13.220 -8.762  1.00 33.97 ? 233 GLU A OE1 1 
ATOM   181 O OE2 . GLU A 1 23 ? -9.404  -12.453 -7.877  1.00 33.57 ? 233 GLU A OE2 1 
ATOM   182 N N   . THR A 1 24 ? -9.022  -8.642  -4.135  1.00 17.30 ? 234 THR A N   1 
ATOM   183 C CA  . THR A 1 24 ? -9.858  -8.076  -3.092  1.00 16.54 ? 234 THR A CA  1 
ATOM   184 C C   . THR A 1 24 ? -11.333 -8.121  -3.478  1.00 16.67 ? 234 THR A C   1 
ATOM   185 O O   . THR A 1 24 ? -11.688 -8.424  -4.635  1.00 17.60 ? 234 THR A O   1 
ATOM   186 C CB  . THR A 1 24 ? -9.490  -6.590  -2.792  1.00 16.28 ? 234 THR A CB  1 
ATOM   187 O OG1 . THR A 1 24 ? -9.954  -5.764  -3.880  1.00 16.49 ? 234 THR A OG1 1 
ATOM   188 C CG2 . THR A 1 24 ? -7.979  -6.413  -2.574  1.00 18.06 ? 234 THR A CG2 1 
ATOM   189 N N   . ASP A 1 25 ? -12.176 -7.787  -2.512  1.00 15.72 ? 235 ASP A N   1 
ATOM   190 C CA  . ASP A 1 25 ? -13.628 -7.747  -2.738  1.00 16.37 ? 235 ASP A CA  1 
ATOM   191 C C   . ASP A 1 25 ? -14.125 -6.383  -3.172  1.00 16.76 ? 235 ASP A C   1 
ATOM   192 O O   . ASP A 1 25 ? -15.306 -6.234  -3.434  1.00 17.81 ? 235 ASP A O   1 
ATOM   193 C CB  . ASP A 1 25 ? -14.373 -8.149  -1.455  1.00 17.68 ? 235 ASP A CB  1 
ATOM   194 C CG  . ASP A 1 25 ? -14.179 -9.611  -1.097  1.00 19.48 ? 235 ASP A CG  1 
ATOM   195 O OD1 . ASP A 1 25 ? -14.247 -9.930  0.109   1.00 24.59 ? 235 ASP A OD1 1 
ATOM   196 O OD2 . ASP A 1 25 ? -13.959 -10.441 -1.994  1.00 24.06 ? 235 ASP A OD2 1 
ATOM   197 N N   . PHE A 1 26 ? -13.247 -5.381  -3.223  1.00 15.66 ? 236 PHE A N   1 
ATOM   198 C CA  . PHE A 1 26 ? -13.656 -4.016  -3.545  1.00 15.08 ? 236 PHE A CA  1 
ATOM   199 C C   . PHE A 1 26 ? -13.261 -3.561  -4.955  1.00 14.62 ? 236 PHE A C   1 
ATOM   200 O O   . PHE A 1 26 ? -13.718 -2.507  -5.392  1.00 14.31 ? 236 PHE A O   1 
ATOM   201 C CB  . PHE A 1 26 ? -13.142 -3.016  -2.481  1.00 14.43 ? 236 PHE A CB  1 
ATOM   202 C CG  . PHE A 1 26 ? -11.630 -2.958  -2.348  1.00 14.42 ? 236 PHE A CG  1 
ATOM   203 C CD1 . PHE A 1 26 ? -10.845 -2.272  -3.280  1.00 14.52 ? 236 PHE A CD1 1 
ATOM   204 C CD2 . PHE A 1 26 ? -10.985 -3.585  -1.275  1.00 15.51 ? 236 PHE A CD2 1 
ATOM   205 C CE1 . PHE A 1 26 ? -9.453  -2.229  -3.161  1.00 14.65 ? 236 PHE A CE1 1 
ATOM   206 C CE2 . PHE A 1 26 ? -9.582  -3.514  -1.147  1.00 15.36 ? 236 PHE A CE2 1 
ATOM   207 C CZ  . PHE A 1 26 ? -8.834  -2.849  -2.081  1.00 15.43 ? 236 PHE A CZ  1 
ATOM   208 N N   . ALA A 1 27 ? -12.448 -4.349  -5.663  1.00 14.84 ? 237 ALA A N   1 
ATOM   209 C CA  . ALA A 1 27 ? -11.963 -3.932  -6.983  1.00 15.96 ? 237 ALA A CA  1 
ATOM   210 C C   . ALA A 1 27 ? -11.479 -5.163  -7.729  1.00 16.87 ? 237 ALA A C   1 
ATOM   211 O O   . ALA A 1 27 ? -11.314 -6.229  -7.131  1.00 18.25 ? 237 ALA A O   1 
ATOM   212 C CB  . ALA A 1 27 ? -10.834 -2.917  -6.835  1.00 16.97 ? 237 ALA A CB  1 
ATOM   213 N N   . LYS A 1 28 ? -11.224 -4.976  -9.022  1.00 17.86 ? 238 LYS A N   1 
ATOM   214 C CA  . LYS A 1 28 ? -10.642 -6.008  -9.885  1.00 18.70 ? 238 LYS A CA  1 
ATOM   215 C C   . LYS A 1 28 ? -9.118  -6.075  -9.762  1.00 19.14 ? 238 LYS A C   1 
ATOM   216 O O   . LYS A 1 28 ? -8.443  -5.088  -9.406  1.00 19.49 ? 238 LYS A O   1 
ATOM   217 C CB  . LYS A 1 28 ? -10.992 -5.708  -11.351 1.00 18.55 ? 238 LYS A CB  1 
ATOM   218 C CG  . LYS A 1 28 ? -10.195 -4.536  -11.900 1.00 19.85 ? 238 LYS A CG  1 
ATOM   219 C CD  . LYS A 1 28 ? -10.887 -3.821  -13.047 1.00 22.06 ? 238 LYS A CD  1 
ATOM   220 C CE  . LYS A 1 28 ? -10.836 -4.657  -14.289 1.00 22.29 ? 238 LYS A CE  1 
ATOM   221 N NZ  . LYS A 1 28 ? -11.661 -4.026  -15.392 1.00 21.02 ? 238 LYS A NZ  1 
ATOM   222 N N   . GLY A 1 29 ? -8.570  -7.232  -10.117 1.00 19.10 ? 239 GLY A N   1 
ATOM   223 C CA  . GLY A 1 29 ? -7.121  -7.392  -10.252 1.00 19.20 ? 239 GLY A CA  1 
ATOM   224 C C   . GLY A 1 29 ? -6.377  -7.472  -8.923  1.00 18.89 ? 239 GLY A C   1 
ATOM   225 O O   . GLY A 1 29 ? -6.987  -7.707  -7.885  1.00 20.59 ? 239 GLY A O   1 
ATOM   226 N N   . GLU A 1 30 ? -5.075  -7.268  -8.980  0.50 17.89 ? 240 GLU A N   1 
ATOM   227 C CA  . GLU A 1 30 ? -4.239  -7.385  -7.800  0.50 18.29 ? 240 GLU A CA  1 
ATOM   228 C C   . GLU A 1 30 ? -4.004  -6.042  -7.152  0.50 16.81 ? 240 GLU A C   1 
ATOM   229 O O   . GLU A 1 30 ? -3.658  -5.067  -7.808  0.50 15.90 ? 240 GLU A O   1 
ATOM   230 C CB  A GLU A 1 30 ? -2.892  -7.984  -8.209  0.50 19.00 ? 240 GLU A CB  1 
ATOM   231 C CB  B GLU A 1 30 ? -2.928  -8.103  -8.100  0.50 19.56 ? 240 GLU A CB  1 
ATOM   232 C CG  A GLU A 1 30 ? -1.881  -8.114  -7.087  0.50 19.47 ? 240 GLU A CG  1 
ATOM   233 C CG  B GLU A 1 30 ? -3.124  -9.590  -8.335  0.50 22.78 ? 240 GLU A CG  1 
ATOM   234 C CD  A GLU A 1 30 ? -0.579  -8.750  -7.537  0.50 20.15 ? 240 GLU A CD  1 
ATOM   235 C CD  B GLU A 1 30 ? -2.129  -10.442 -7.572  0.50 26.09 ? 240 GLU A CD  1 
ATOM   236 O OE1 A GLU A 1 30 ? -0.161  -9.738  -6.903  0.50 23.82 ? 240 GLU A OE1 1 
ATOM   237 O OE1 B GLU A 1 30 ? -0.910  -10.168 -7.636  0.50 28.18 ? 240 GLU A OE1 1 
ATOM   238 O OE2 A GLU A 1 30 ? 0.023   -8.265  -8.517  0.50 22.94 ? 240 GLU A OE2 1 
ATOM   239 O OE2 B GLU A 1 30 ? -2.564  -11.405 -6.906  0.50 29.21 ? 240 GLU A OE2 1 
ATOM   240 N N   . TRP A 1 31 ? -4.207  -6.025  -5.839  1.00 16.78 ? 241 TRP A N   1 
ATOM   241 C CA  . TRP A 1 31 ? -3.978  -4.836  -5.026  1.00 15.86 ? 241 TRP A CA  1 
ATOM   242 C C   . TRP A 1 31 ? -2.884  -5.055  -4.006  1.00 15.89 ? 241 TRP A C   1 
ATOM   243 O O   . TRP A 1 31 ? -2.688  -6.149  -3.505  1.00 16.89 ? 241 TRP A O   1 
ATOM   244 C CB  . TRP A 1 31 ? -5.280  -4.399  -4.338  1.00 16.73 ? 241 TRP A CB  1 
ATOM   245 C CG  . TRP A 1 31 ? -6.202  -3.774  -5.321  1.00 15.90 ? 241 TRP A CG  1 
ATOM   246 C CD1 . TRP A 1 31 ? -6.849  -4.409  -6.365  1.00 18.93 ? 241 TRP A CD1 1 
ATOM   247 C CD2 . TRP A 1 31 ? -6.528  -2.398  -5.429  1.00 15.00 ? 241 TRP A CD2 1 
ATOM   248 N NE1 . TRP A 1 31 ? -7.569  -3.494  -7.081  1.00 18.05 ? 241 TRP A NE1 1 
ATOM   249 C CE2 . TRP A 1 31 ? -7.384  -2.247  -6.547  1.00 17.54 ? 241 TRP A CE2 1 
ATOM   250 C CE3 . TRP A 1 31 ? -6.217  -1.272  -4.665  1.00 17.18 ? 241 TRP A CE3 1 
ATOM   251 C CZ2 . TRP A 1 31 ? -7.916  -1.004  -6.916  1.00 16.41 ? 241 TRP A CZ2 1 
ATOM   252 C CZ3 . TRP A 1 31 ? -6.732  -0.043  -5.040  1.00 16.51 ? 241 TRP A CZ3 1 
ATOM   253 C CH2 . TRP A 1 31 ? -7.592  0.082   -6.150  1.00 18.15 ? 241 TRP A CH2 1 
ATOM   254 N N   . CYS A 1 32 ? -2.170  -3.982  -3.716  0.50 12.48 ? 242 CYS A N   1 
ATOM   255 C CA  . CYS A 1 32 ? -1.122  -3.962  -2.730  0.50 13.23 ? 242 CYS A CA  1 
ATOM   256 C C   . CYS A 1 32 ? -1.647  -3.330  -1.449  0.50 11.75 ? 242 CYS A C   1 
ATOM   257 O O   . CYS A 1 32 ? -2.106  -2.188  -1.471  0.50 10.57 ? 242 CYS A O   1 
ATOM   258 C CB  A CYS A 1 32 ? 0.055   -3.214  -3.333  0.50 13.86 ? 242 CYS A CB  1 
ATOM   259 C CB  B CYS A 1 32 ? -0.029  -3.010  -3.172  0.50 15.55 ? 242 CYS A CB  1 
ATOM   260 S SG  A CYS A 1 32 ? 1.500   -3.226  -2.332  0.50 12.49 ? 242 CYS A SG  1 
ATOM   261 S SG  B CYS A 1 32 ? 0.982   -3.572  -4.460  0.50 25.14 ? 242 CYS A SG  1 
ATOM   262 N N   . GLY A 1 33 ? -1.598  -4.059  -0.344  1.00 13.45 ? 243 GLY A N   1 
ATOM   263 C CA  . GLY A 1 33 ? -1.923  -3.481  0.956   1.00 13.50 ? 243 GLY A CA  1 
ATOM   264 C C   . GLY A 1 33 ? -0.635  -3.090  1.651   1.00 12.63 ? 243 GLY A C   1 
ATOM   265 O O   . GLY A 1 33 ? 0.263   -3.925  1.854   1.00 13.42 ? 243 GLY A O   1 
ATOM   266 N N   . VAL A 1 34 ? -0.522  -1.809  1.946   1.00 13.40 ? 244 VAL A N   1 
ATOM   267 C CA  . VAL A 1 34 ? 0.705   -1.225  2.492   1.00 13.13 ? 244 VAL A CA  1 
ATOM   268 C C   . VAL A 1 34 ? 0.431   -0.712  3.905   1.00 13.51 ? 244 VAL A C   1 
ATOM   269 O O   . VAL A 1 34 ? -0.614  -0.101  4.174   1.00 13.03 ? 244 VAL A O   1 
ATOM   270 C CB  . VAL A 1 34 ? 1.208   -0.069  1.602   1.00 13.52 ? 244 VAL A CB  1 
ATOM   271 C CG1 . VAL A 1 34 ? 2.433   0.631   2.218   1.00 14.77 ? 244 VAL A CG1 1 
ATOM   272 C CG2 . VAL A 1 34 ? 1.495   -0.591  0.183   1.00 14.47 ? 244 VAL A CG2 1 
ATOM   273 N N   . GLU A 1 35 ? 1.343   -0.999  4.828   1.00 12.96 ? 245 GLU A N   1 
ATOM   274 C CA  . GLU A 1 35 ? 1.326   -0.355  6.141   1.00 13.16 ? 245 GLU A CA  1 
ATOM   275 C C   . GLU A 1 35 ? 2.359   0.762   6.100   1.00 12.78 ? 245 GLU A C   1 
ATOM   276 O O   . GLU A 1 35 ? 3.557   0.502   5.908   1.00 12.89 ? 245 GLU A O   1 
ATOM   277 C CB  . GLU A 1 35 ? 1.685   -1.346  7.247   1.00 13.64 ? 245 GLU A CB  1 
ATOM   278 C CG  . GLU A 1 35 ? 1.733   -0.684  8.584   1.00 14.89 ? 245 GLU A CG  1 
ATOM   279 C CD  . GLU A 1 35 ? 2.202   -1.603  9.662   1.00 18.60 ? 245 GLU A CD  1 
ATOM   280 O OE1 . GLU A 1 35 ? 2.217   -2.830  9.464   1.00 18.63 ? 245 GLU A OE1 1 
ATOM   281 O OE2 . GLU A 1 35 ? 2.606   -1.066  10.708  1.00 20.54 ? 245 GLU A OE2 1 
ATOM   282 N N   . LEU A 1 36 ? 1.881   1.991   6.254   1.00 13.51 ? 246 LEU A N   1 
ATOM   283 C CA  . LEU A 1 36 ? 2.721   3.180   6.168   1.00 13.29 ? 246 LEU A CA  1 
ATOM   284 C C   . LEU A 1 36 ? 3.541   3.378   7.441   1.00 13.80 ? 246 LEU A C   1 
ATOM   285 O O   . LEU A 1 36 ? 3.160   2.928   8.525   1.00 14.17 ? 246 LEU A O   1 
ATOM   286 C CB  . LEU A 1 36 ? 1.817   4.387   5.949   1.00 13.58 ? 246 LEU A CB  1 
ATOM   287 C CG  . LEU A 1 36 ? 0.995   4.349   4.658   1.00 13.99 ? 246 LEU A CG  1 
ATOM   288 C CD1 . LEU A 1 36 ? 0.084   5.563   4.655   1.00 17.38 ? 246 LEU A CD1 1 
ATOM   289 C CD2 . LEU A 1 36 ? 1.869   4.311   3.415   1.00 15.98 ? 246 LEU A CD2 1 
ATOM   290 N N   . ASP A 1 37 ? 4.639   4.114   7.310   1.00 14.03 ? 247 ASP A N   1 
ATOM   291 C CA  . ASP A 1 37 ? 5.423   4.539   8.470   1.00 15.33 ? 247 ASP A CA  1 
ATOM   292 C C   . ASP A 1 37 ? 4.686   5.559   9.307   1.00 15.40 ? 247 ASP A C   1 
ATOM   293 O O   . ASP A 1 37 ? 4.823   5.583   10.529  1.00 16.61 ? 247 ASP A O   1 
ATOM   294 C CB  . ASP A 1 37 ? 6.722   5.187   8.011   1.00 16.29 ? 247 ASP A CB  1 
ATOM   295 C CG  . ASP A 1 37 ? 7.656   4.223   7.313   1.00 16.31 ? 247 ASP A CG  1 
ATOM   296 O OD1 . ASP A 1 37 ? 7.445   2.984   7.374   1.00 16.98 ? 247 ASP A OD1 1 
ATOM   297 O OD2 . ASP A 1 37 ? 8.632   4.713   6.696   1.00 16.34 ? 247 ASP A OD2 1 
ATOM   298 N N   . GLU A 1 38 ? 3.922   6.417   8.637   1.00 15.36 ? 248 GLU A N   1 
ATOM   299 C CA  . GLU A 1 38 ? 3.260   7.562   9.268   1.00 16.68 ? 248 GLU A CA  1 
ATOM   300 C C   . GLU A 1 38 ? 1.756   7.384   9.117   1.00 15.96 ? 248 GLU A C   1 
ATOM   301 O O   . GLU A 1 38 ? 1.316   6.698   8.207   1.00 15.69 ? 248 GLU A O   1 
ATOM   302 C CB  . GLU A 1 38 ? 3.690   8.857   8.577   1.00 18.49 ? 248 GLU A CB  1 
ATOM   303 C CG  . GLU A 1 38 ? 5.186   9.172   8.661   1.00 22.31 ? 248 GLU A CG  1 
ATOM   304 C CD  . GLU A 1 38 ? 5.691   9.220   10.078  1.00 28.97 ? 248 GLU A CD  1 
ATOM   305 O OE1 . GLU A 1 38 ? 6.748   8.598   10.336  1.00 33.88 ? 248 GLU A OE1 1 
ATOM   306 O OE2 . GLU A 1 38 ? 5.033   9.855   10.932  1.00 31.64 ? 248 GLU A OE2 1 
ATOM   307 N N   . PRO A 1 39 ? 0.948   7.995   10.006  1.00 16.61 ? 249 PRO A N   1 
ATOM   308 C CA  . PRO A 1 39 ? -0.512  7.792   9.994   1.00 16.88 ? 249 PRO A CA  1 
ATOM   309 C C   . PRO A 1 39 ? -1.237  8.579   8.887   1.00 16.83 ? 249 PRO A C   1 
ATOM   310 O O   . PRO A 1 39 ? -2.146  9.386   9.148   1.00 17.97 ? 249 PRO A O   1 
ATOM   311 C CB  . PRO A 1 39 ? -0.932  8.239   11.396  1.00 17.13 ? 249 PRO A CB  1 
ATOM   312 C CG  . PRO A 1 39 ? 0.075   9.272   11.781  1.00 17.38 ? 249 PRO A CG  1 
ATOM   313 C CD  . PRO A 1 39 ? 1.385   8.847   11.137  1.00 16.67 ? 249 PRO A CD  1 
ATOM   314 N N   . LEU A 1 40 ? -0.860  8.286   7.644   1.00 16.17 ? 250 LEU A N   1 
ATOM   315 C CA  . LEU A 1 40 ? -1.342  9.013   6.463   1.00 17.08 ? 250 LEU A CA  1 
ATOM   316 C C   . LEU A 1 40 ? -2.282  8.134   5.651   1.00 16.98 ? 250 LEU A C   1 
ATOM   317 O O   . LEU A 1 40 ? -2.603  8.463   4.502   1.00 18.41 ? 250 LEU A O   1 
ATOM   318 C CB  . LEU A 1 40 ? -0.138  9.460   5.613   1.00 17.77 ? 250 LEU A CB  1 
ATOM   319 C CG  . LEU A 1 40 ? 0.937   10.286  6.330   1.00 18.93 ? 250 LEU A CG  1 
ATOM   320 C CD1 . LEU A 1 40 ? 2.192   10.478  5.441   1.00 21.43 ? 250 LEU A CD1 1 
ATOM   321 C CD2 . LEU A 1 40 ? 0.349   11.621  6.762   1.00 22.72 ? 250 LEU A CD2 1 
ATOM   322 N N   . GLY A 1 41 ? -2.711  7.026   6.257   1.00 16.51 ? 251 GLY A N   1 
ATOM   323 C CA  . GLY A 1 41 ? -3.557  6.063   5.557   1.00 17.33 ? 251 GLY A CA  1 
ATOM   324 C C   . GLY A 1 41 ? -5.015  6.208   5.926   1.00 18.00 ? 251 GLY A C   1 
ATOM   325 O O   . GLY A 1 41 ? -5.415  7.173   6.594   1.00 19.56 ? 251 GLY A O   1 
ATOM   326 N N   . LYS A 1 42 ? -5.804  5.230   5.505   1.00 17.56 ? 252 LYS A N   1 
ATOM   327 C CA  . LYS A 1 42 ? -7.268  5.306   5.600   1.00 18.19 ? 252 LYS A CA  1 
ATOM   328 C C   . LYS A 1 42 ? -7.936  4.070   6.171   1.00 17.20 ? 252 LYS A C   1 
ATOM   329 O O   . LYS A 1 42 ? -9.169  4.017   6.276   1.00 17.95 ? 252 LYS A O   1 
ATOM   330 C CB  . LYS A 1 42 ? -7.850  5.565   4.204   1.00 19.87 ? 252 LYS A CB  1 
ATOM   331 C CG  . LYS A 1 42 ? -7.412  6.879   3.567   1.00 23.70 ? 252 LYS A CG  1 
ATOM   332 C CD  . LYS A 1 42 ? -8.016  8.055   4.301   1.00 28.12 ? 252 LYS A CD  1 
ATOM   333 C CE  . LYS A 1 42 ? -7.925  9.327   3.482   1.00 30.34 ? 252 LYS A CE  1 
ATOM   334 N NZ  . LYS A 1 42 ? -6.627  10.008  3.726   1.00 34.16 ? 252 LYS A NZ  1 
ATOM   335 N N   . ASN A 1 43 ? -7.156  3.064   6.540   1.00 15.05 ? 253 ASN A N   1 
ATOM   336 C CA  . ASN A 1 43 ? -7.707  1.819   7.067   1.00 15.36 ? 253 ASN A CA  1 
ATOM   337 C C   . ASN A 1 43 ? -6.687  1.140   7.995   1.00 15.50 ? 253 ASN A C   1 
ATOM   338 O O   . ASN A 1 43 ? -5.561  1.643   8.171   1.00 15.34 ? 253 ASN A O   1 
ATOM   339 C CB  . ASN A 1 43 ? -8.152  0.895   5.902   1.00 16.18 ? 253 ASN A CB  1 
ATOM   340 C CG  . ASN A 1 43 ? -6.987  0.463   5.041   1.00 14.64 ? 253 ASN A CG  1 
ATOM   341 O OD1 . ASN A 1 43 ? -6.110  -0.271  5.501   1.00 15.05 ? 253 ASN A OD1 1 
ATOM   342 N ND2 . ASN A 1 43 ? -6.961  0.935   3.778   1.00 16.59 ? 253 ASN A ND2 1 
ATOM   343 N N   . ASP A 1 44 ? -7.087  0.017   8.571   1.00 15.57 ? 254 ASP A N   1 
ATOM   344 C CA  . ASP A 1 44 ? -6.220  -0.789  9.420   1.00 16.13 ? 254 ASP A CA  1 
ATOM   345 C C   . ASP A 1 44 ? -5.995  -2.169  8.789   1.00 16.03 ? 254 ASP A C   1 
ATOM   346 O O   . ASP A 1 44 ? -5.697  -3.139  9.487   1.00 16.10 ? 254 ASP A O   1 
ATOM   347 C CB  . ASP A 1 44 ? -6.869  -0.946  10.803  1.00 16.77 ? 254 ASP A CB  1 
ATOM   348 C CG  . ASP A 1 44 ? -8.091  -1.845  10.763  1.00 19.61 ? 254 ASP A CG  1 
ATOM   349 O OD1 . ASP A 1 44 ? -8.655  -2.060  9.669   1.00 18.97 ? 254 ASP A OD1 1 
ATOM   350 O OD2 . ASP A 1 44 ? -8.485  -2.364  11.838  1.00 22.14 ? 254 ASP A OD2 1 
ATOM   351 N N   . GLY A 1 45 ? -6.155  -2.255  7.464   1.00 15.05 ? 255 GLY A N   1 
ATOM   352 C CA  . GLY A 1 45 ? -5.959  -3.517  6.742   1.00 15.33 ? 255 GLY A CA  1 
ATOM   353 C C   . GLY A 1 45 ? -7.242  -4.190  6.299   1.00 14.56 ? 255 GLY A C   1 
ATOM   354 O O   . GLY A 1 45 ? -7.203  -5.202  5.598   1.00 15.31 ? 255 GLY A O   1 
ATOM   355 N N   . ALA A 1 46 ? -8.376  -3.607  6.694   1.00 15.45 ? 256 ALA A N   1 
ATOM   356 C CA  . ALA A 1 46 ? -9.692  -4.113  6.289   1.00 16.56 ? 256 ALA A CA  1 
ATOM   357 C C   . ALA A 1 46 ? -10.452 -3.027  5.541   1.00 17.44 ? 256 ALA A C   1 
ATOM   358 O O   . ALA A 1 46 ? -10.247 -1.830  5.784   1.00 17.86 ? 256 ALA A O   1 
ATOM   359 C CB  . ALA A 1 46 ? -10.499 -4.586  7.535   1.00 16.64 ? 256 ALA A CB  1 
ATOM   360 N N   . VAL A 1 47 ? -11.322 -3.458  4.622   1.00 17.68 ? 257 VAL A N   1 
ATOM   361 C CA  . VAL A 1 47 ? -12.248 -2.554  3.919   1.00 19.16 ? 257 VAL A CA  1 
ATOM   362 C C   . VAL A 1 47 ? -13.591 -3.255  3.858   1.00 19.43 ? 257 VAL A C   1 
ATOM   363 O O   . VAL A 1 47 ? -13.656 -4.414  3.463   1.00 19.32 ? 257 VAL A O   1 
ATOM   364 C CB  . VAL A 1 47 ? -11.823 -2.261  2.445   1.00 18.91 ? 257 VAL A CB  1 
ATOM   365 C CG1 . VAL A 1 47 ? -12.887 -1.411  1.724   1.00 22.02 ? 257 VAL A CG1 1 
ATOM   366 C CG2 . VAL A 1 47 ? -10.462 -1.607  2.388   1.00 20.53 ? 257 VAL A CG2 1 
ATOM   367 N N   . ALA A 1 48 ? -14.651 -2.542  4.239   1.00 20.90 ? 258 ALA A N   1 
ATOM   368 C CA  . ALA A 1 48 ? -16.027 -3.064  4.121   1.00 23.39 ? 258 ALA A CA  1 
ATOM   369 C C   . ALA A 1 48 ? -16.264 -4.447  4.727   1.00 25.10 ? 258 ALA A C   1 
ATOM   370 O O   . ALA A 1 48 ? -16.958 -5.278  4.135   1.00 27.44 ? 258 ALA A O   1 
ATOM   371 C CB  . ALA A 1 48 ? -16.463 -3.059  2.652   1.00 24.09 ? 258 ALA A CB  1 
ATOM   372 N N   . GLY A 1 49 ? -15.708 -4.721  5.895   1.00 25.83 ? 259 GLY A N   1 
ATOM   373 C CA  . GLY A 1 49 ? -15.909 -6.066  6.464   1.00 26.08 ? 259 GLY A CA  1 
ATOM   374 C C   . GLY A 1 49 ? -15.250 -7.255  5.762   1.00 25.34 ? 259 GLY A C   1 
ATOM   375 O O   . GLY A 1 49 ? -15.635 -8.408  5.980   1.00 27.00 ? 259 GLY A O   1 
ATOM   376 N N   . THR A 1 50 ? -14.253 -6.997  4.912   1.00 23.19 ? 260 THR A N   1 
ATOM   377 C CA  . THR A 1 50 ? -13.258 -8.020  4.593   1.00 21.59 ? 260 THR A CA  1 
ATOM   378 C C   . THR A 1 50 ? -11.921 -7.525  5.119   1.00 19.90 ? 260 THR A C   1 
ATOM   379 O O   . THR A 1 50 ? -11.528 -6.382  4.851   1.00 19.47 ? 260 THR A O   1 
ATOM   380 C CB  . THR A 1 50 ? -13.119 -8.304  3.077   1.00 21.78 ? 260 THR A CB  1 
ATOM   381 O OG1 . THR A 1 50 ? -14.386 -8.726  2.561   1.00 23.04 ? 260 THR A OG1 1 
ATOM   382 C CG2 . THR A 1 50 ? -12.089 -9.389  2.801   1.00 22.33 ? 260 THR A CG2 1 
ATOM   383 N N   . ARG A 1 51 ? -11.243 -8.386  5.872   1.00 19.04 ? 261 ARG A N   1 
ATOM   384 C CA  . ARG A 1 51 ? -9.898  -8.071  6.343   1.00 18.26 ? 261 ARG A CA  1 
ATOM   385 C C   . ARG A 1 51 ? -8.849  -8.724  5.453   1.00 18.48 ? 261 ARG A C   1 
ATOM   386 O O   . ARG A 1 51 ? -8.876  -9.931  5.214   1.00 19.05 ? 261 ARG A O   1 
ATOM   387 C CB  . ARG A 1 51 ? -9.702  -8.485  7.808   1.00 18.68 ? 261 ARG A CB  1 
ATOM   388 C CG  . ARG A 1 51 ? -8.309  -8.111  8.294   1.00 18.35 ? 261 ARG A CG  1 
ATOM   389 C CD  . ARG A 1 51 ? -8.188  -8.075  9.823   1.00 19.39 ? 261 ARG A CD  1 
ATOM   390 N NE  . ARG A 1 51 ? -9.040  -7.056  10.425  1.00 17.95 ? 261 ARG A NE  1 
ATOM   391 C CZ  . ARG A 1 51 ? -8.784  -5.748  10.461  1.00 17.70 ? 261 ARG A CZ  1 
ATOM   392 N NH1 . ARG A 1 51 ? -7.695  -5.256  9.870   1.00 16.24 ? 261 ARG A NH1 1 
ATOM   393 N NH2 . ARG A 1 51 ? -9.623  -4.910  11.055  1.00 19.76 ? 261 ARG A NH2 1 
ATOM   394 N N   . TYR A 1 52 ? -7.892  -7.914  4.998   1.00 16.23 ? 262 TYR A N   1 
ATOM   395 C CA  . TYR A 1 52 ? -6.797  -8.391  4.157   1.00 16.47 ? 262 TYR A CA  1 
ATOM   396 C C   . TYR A 1 52 ? -5.490  -8.555  4.929   1.00 15.97 ? 262 TYR A C   1 
ATOM   397 O O   . TYR A 1 52 ? -4.696  -9.449  4.650   1.00 17.15 ? 262 TYR A O   1 
ATOM   398 C CB  . TYR A 1 52 ? -6.633  -7.432  2.955   1.00 16.11 ? 262 TYR A CB  1 
ATOM   399 C CG  . TYR A 1 52 ? -7.934  -7.321  2.191   1.00 16.07 ? 262 TYR A CG  1 
ATOM   400 C CD1 . TYR A 1 52 ? -8.792  -6.247  2.390   1.00 15.92 ? 262 TYR A CD1 1 
ATOM   401 C CD2 . TYR A 1 52 ? -8.305  -8.317  1.302   1.00 17.33 ? 262 TYR A CD2 1 
ATOM   402 C CE1 . TYR A 1 52 ? -10.023 -6.167  1.713   1.00 15.66 ? 262 TYR A CE1 1 
ATOM   403 C CE2 . TYR A 1 52 ? -9.507  -8.251  0.620   1.00 16.40 ? 262 TYR A CE2 1 
ATOM   404 C CZ  . TYR A 1 52 ? -10.348 -7.169  0.819   1.00 16.14 ? 262 TYR A CZ  1 
ATOM   405 O OH  . TYR A 1 52 ? -11.552 -7.109  0.143   1.00 18.13 ? 262 TYR A OH  1 
ATOM   406 N N   . PHE A 1 53 ? -5.272  -7.649  5.880   1.00 15.15 ? 263 PHE A N   1 
ATOM   407 C CA  . PHE A 1 53 ? -4.158  -7.749  6.848   1.00 15.30 ? 263 PHE A CA  1 
ATOM   408 C C   . PHE A 1 53 ? -4.563  -6.939  8.060   1.00 14.79 ? 263 PHE A C   1 
ATOM   409 O O   . PHE A 1 53 ? -5.632  -6.348  8.080   1.00 14.94 ? 263 PHE A O   1 
ATOM   410 C CB  . PHE A 1 53 ? -2.814  -7.277  6.246   1.00 15.18 ? 263 PHE A CB  1 
ATOM   411 C CG  . PHE A 1 53 ? -2.762  -5.805  5.862   1.00 14.39 ? 263 PHE A CG  1 
ATOM   412 C CD1 . PHE A 1 53 ? -2.140  -4.879  6.705   1.00 14.91 ? 263 PHE A CD1 1 
ATOM   413 C CD2 . PHE A 1 53 ? -3.279  -5.336  4.637   1.00 13.92 ? 263 PHE A CD2 1 
ATOM   414 C CE1 . PHE A 1 53 ? -2.049  -3.528  6.350   1.00 14.25 ? 263 PHE A CE1 1 
ATOM   415 C CE2 . PHE A 1 53 ? -3.182  -3.978  4.297   1.00 13.55 ? 263 PHE A CE2 1 
ATOM   416 C CZ  . PHE A 1 53 ? -2.571  -3.075  5.142   1.00 14.51 ? 263 PHE A CZ  1 
ATOM   417 N N   . GLN A 1 54 ? -3.714  -6.928  9.095   1.00 15.01 ? 264 GLN A N   1 
ATOM   418 C CA  . GLN A 1 54 ? -3.975  -6.076  10.255  1.00 15.80 ? 264 GLN A CA  1 
ATOM   419 C C   . GLN A 1 54 ? -2.807  -5.150  10.538  1.00 15.77 ? 264 GLN A C   1 
ATOM   420 O O   . GLN A 1 54 ? -1.650  -5.599  10.602  1.00 16.47 ? 264 GLN A O   1 
ATOM   421 C CB  . GLN A 1 54 ? -4.232  -6.940  11.505  1.00 15.55 ? 264 GLN A CB  1 
ATOM   422 C CG  . GLN A 1 54 ? -4.508  -6.114  12.775  1.00 16.47 ? 264 GLN A CG  1 
ATOM   423 C CD  . GLN A 1 54 ? -5.900  -5.520  12.783  1.00 16.48 ? 264 GLN A CD  1 
ATOM   424 O OE1 . GLN A 1 54 ? -6.896  -6.256  12.855  1.00 18.95 ? 264 GLN A OE1 1 
ATOM   425 N NE2 . GLN A 1 54 ? -6.000  -4.192  12.720  1.00 16.78 ? 264 GLN A NE2 1 
ATOM   426 N N   . CYS A 1 55 ? -3.111  -3.862  10.667  1.00 15.59 ? 265 CYS A N   1 
ATOM   427 C CA  . CYS A 1 55 ? -2.124  -2.898  11.159  1.00 15.85 ? 265 CYS A CA  1 
ATOM   428 C C   . CYS A 1 55 ? -2.823  -1.909  12.088  1.00 15.52 ? 265 CYS A C   1 
ATOM   429 O O   . CYS A 1 55 ? -4.032  -2.018  12.346  1.00 16.86 ? 265 CYS A O   1 
ATOM   430 C CB  . CYS A 1 55 ? -1.396  -2.180  10.004  1.00 15.38 ? 265 CYS A CB  1 
ATOM   431 S SG  . CYS A 1 55 ? -2.438  -1.097  8.990   1.00 15.50 ? 265 CYS A SG  1 
ATOM   432 N N   . GLN A 1 56 ? -2.057  -0.936  12.556  0.50 14.28 ? 266 GLN A N   1 
ATOM   433 C CA  . GLN A 1 56 ? -2.606  0.136   13.352  0.50 15.59 ? 266 GLN A CA  1 
ATOM   434 C C   . GLN A 1 56 ? -3.566  1.000   12.516  0.50 15.62 ? 266 GLN A C   1 
ATOM   435 O O   . GLN A 1 56 ? -3.342  1.212   11.326  0.50 12.71 ? 266 GLN A O   1 
ATOM   436 C CB  A GLN A 1 56 ? -1.467  0.976   13.943  0.50 16.45 ? 266 GLN A CB  1 
ATOM   437 C CB  B GLN A 1 56 ? -1.487  0.990   13.928  0.50 16.87 ? 266 GLN A CB  1 
ATOM   438 C CG  A GLN A 1 56 ? -0.665  0.250   15.040  0.50 16.77 ? 266 GLN A CG  1 
ATOM   439 C CG  B GLN A 1 56 ? -0.783  0.329   15.093  0.50 18.99 ? 266 GLN A CG  1 
ATOM   440 C CD  A GLN A 1 56 ? -1.419  0.188   16.359  0.50 16.87 ? 266 GLN A CD  1 
ATOM   441 C CD  B GLN A 1 56 ? -0.761  1.218   16.313  0.50 21.98 ? 266 GLN A CD  1 
ATOM   442 O OE1 A GLN A 1 56 ? -2.495  -0.385  16.441  0.50 19.71 ? 266 GLN A OE1 1 
ATOM   443 O OE1 B GLN A 1 56 ? -1.278  2.336   16.301  0.50 23.35 ? 266 GLN A OE1 1 
ATOM   444 N NE2 A GLN A 1 56 ? -0.844  0.774   17.400  0.50 17.45 ? 266 GLN A NE2 1 
ATOM   445 N NE2 B GLN A 1 56 ? -0.169  0.722   17.382  0.50 23.15 ? 266 GLN A NE2 1 
ATOM   446 N N   . PRO A 1 57 ? -4.664  1.479   13.123  1.00 17.98 ? 267 PRO A N   1 
ATOM   447 C CA  . PRO A 1 57 ? -5.584  2.351   12.411  1.00 18.55 ? 267 PRO A CA  1 
ATOM   448 C C   . PRO A 1 57 ? -4.860  3.581   11.861  1.00 18.07 ? 267 PRO A C   1 
ATOM   449 O O   . PRO A 1 57 ? -3.948  4.122   12.500  1.00 18.47 ? 267 PRO A O   1 
ATOM   450 C CB  . PRO A 1 57 ? -6.620  2.764   13.480  1.00 20.31 ? 267 PRO A CB  1 
ATOM   451 C CG  . PRO A 1 57 ? -6.058  2.309   14.770  1.00 21.35 ? 267 PRO A CG  1 
ATOM   452 C CD  . PRO A 1 57 ? -5.105  1.206   14.506  1.00 18.87 ? 267 PRO A CD  1 
ATOM   453 N N   . LYS A 1 58 ? -5.275  4.001   10.665  1.00 18.03 ? 268 LYS A N   1 
ATOM   454 C CA  . LYS A 1 58 ? -4.692  5.152   9.972   1.00 19.57 ? 268 LYS A CA  1 
ATOM   455 C C   . LYS A 1 58 ? -3.351  4.862   9.299   1.00 17.14 ? 268 LYS A C   1 
ATOM   456 O O   . LYS A 1 58 ? -2.801  5.758   8.650   1.00 18.69 ? 268 LYS A O   1 
ATOM   457 C CB  . LYS A 1 58 ? -4.554  6.378   10.895  1.00 20.07 ? 268 LYS A CB  1 
ATOM   458 C CG  . LYS A 1 58 ? -5.890  6.959   11.389  1.00 23.85 ? 268 LYS A CG  1 
ATOM   459 C CD  . LYS A 1 58 ? -5.672  8.208   12.238  1.00 24.76 ? 268 LYS A CD  1 
ATOM   460 C CE  . LYS A 1 58 ? -4.782  9.233   11.528  1.00 31.27 ? 268 LYS A CE  1 
ATOM   461 N NZ  . LYS A 1 58 ? -4.484  10.409  12.405  1.00 34.81 ? 268 LYS A NZ  1 
ATOM   462 N N   . TYR A 1 59 ? -2.830  3.639   9.412   1.00 15.84 ? 269 TYR A N   1 
ATOM   463 C CA  . TYR A 1 59 ? -1.557  3.336   8.778   1.00 14.62 ? 269 TYR A CA  1 
ATOM   464 C C   . TYR A 1 59 ? -1.714  2.472   7.532   1.00 15.08 ? 269 TYR A C   1 
ATOM   465 O O   . TYR A 1 59 ? -0.758  2.278   6.793   1.00 15.61 ? 269 TYR A O   1 
ATOM   466 C CB  . TYR A 1 59 ? -0.588  2.661   9.758   1.00 15.25 ? 269 TYR A CB  1 
ATOM   467 C CG  . TYR A 1 59 ? -0.060  3.582   10.848  1.00 14.35 ? 269 TYR A CG  1 
ATOM   468 C CD1 . TYR A 1 59 ? -0.798  3.792   12.013  1.00 14.44 ? 269 TYR A CD1 1 
ATOM   469 C CD2 . TYR A 1 59 ? 1.142   4.261   10.693  1.00 15.45 ? 269 TYR A CD2 1 
ATOM   470 C CE1 . TYR A 1 59 ? -0.312  4.605   13.035  1.00 15.82 ? 269 TYR A CE1 1 
ATOM   471 C CE2 . TYR A 1 59 ? 1.633   5.095   11.710  1.00 15.77 ? 269 TYR A CE2 1 
ATOM   472 C CZ  . TYR A 1 59 ? 0.892   5.259   12.865  1.00 15.90 ? 269 TYR A CZ  1 
ATOM   473 O OH  . TYR A 1 59 ? 1.360   6.093   13.862  1.00 18.31 ? 269 TYR A OH  1 
ATOM   474 N N   . GLY A 1 60 ? -2.910  1.967   7.272   1.00 14.08 ? 270 GLY A N   1 
ATOM   475 C CA  . GLY A 1 60 ? -3.121  1.083   6.110   1.00 14.37 ? 270 GLY A CA  1 
ATOM   476 C C   . GLY A 1 60 ? -3.628  1.821   4.873   1.00 14.50 ? 270 GLY A C   1 
ATOM   477 O O   . GLY A 1 60 ? -4.421  2.774   4.971   1.00 14.20 ? 270 GLY A O   1 
ATOM   478 N N   . LEU A 1 61 ? -3.145  1.388   3.711   1.00 14.34 ? 271 LEU A N   1 
ATOM   479 C CA  . LEU A 1 61 ? -3.619  1.893   2.412   1.00 15.67 ? 271 LEU A CA  1 
ATOM   480 C C   . LEU A 1 61 ? -3.611  0.735   1.447   1.00 15.83 ? 271 LEU A C   1 
ATOM   481 O O   . LEU A 1 61 ? -2.739  -0.151  1.530   1.00 16.82 ? 271 LEU A O   1 
ATOM   482 C CB  . LEU A 1 61 ? -2.657  2.955   1.869   1.00 17.89 ? 271 LEU A CB  1 
ATOM   483 C CG  . LEU A 1 61 ? -2.814  4.423   2.220   1.00 21.14 ? 271 LEU A CG  1 
ATOM   484 C CD1 . LEU A 1 61 ? -1.834  5.242   1.383   1.00 21.39 ? 271 LEU A CD1 1 
ATOM   485 C CD2 . LEU A 1 61 ? -4.219  4.915   1.973   1.00 21.56 ? 271 LEU A CD2 1 
ATOM   486 N N   . PHE A 1 62 ? -4.567  0.709   0.521   1.00 14.77 ? 272 PHE A N   1 
ATOM   487 C CA  . PHE A 1 62 ? -4.492  -0.213  -0.604  1.00 14.40 ? 272 PHE A CA  1 
ATOM   488 C C   . PHE A 1 62 ? -4.286  0.579   -1.861  1.00 15.19 ? 272 PHE A C   1 
ATOM   489 O O   . PHE A 1 62 ? -4.827  1.675   -2.007  1.00 16.75 ? 272 PHE A O   1 
ATOM   490 C CB  . PHE A 1 62 ? -5.775  -1.051  -0.722  1.00 14.76 ? 272 PHE A CB  1 
ATOM   491 C CG  . PHE A 1 62 ? -5.965  -2.006  0.421   1.00 13.93 ? 272 PHE A CG  1 
ATOM   492 C CD1 . PHE A 1 62 ? -6.643  -1.592  1.565   1.00 16.33 ? 272 PHE A CD1 1 
ATOM   493 C CD2 . PHE A 1 62 ? -5.450  -3.302  0.362   1.00 14.73 ? 272 PHE A CD2 1 
ATOM   494 C CE1 . PHE A 1 62 ? -6.806  -2.464  2.639   1.00 14.99 ? 272 PHE A CE1 1 
ATOM   495 C CE2 . PHE A 1 62 ? -5.593  -4.176  1.431   1.00 15.09 ? 272 PHE A CE2 1 
ATOM   496 C CZ  . PHE A 1 62 ? -6.272  -3.746  2.573   1.00 15.84 ? 272 PHE A CZ  1 
ATOM   497 N N   . ALA A 1 63 ? -3.518  0.025   -2.780  1.00 14.82 ? 273 ALA A N   1 
ATOM   498 C CA  . ALA A 1 63 ? -3.253  0.693   -4.054  1.00 15.47 ? 273 ALA A CA  1 
ATOM   499 C C   . ALA A 1 63 ? -3.035  -0.364  -5.122  1.00 15.83 ? 273 ALA A C   1 
ATOM   500 O O   . ALA A 1 63 ? -2.511  -1.433  -4.824  1.00 15.43 ? 273 ALA A O   1 
ATOM   501 C CB  . ALA A 1 63 ? -2.017  1.567   -3.942  1.00 16.46 ? 273 ALA A CB  1 
ATOM   502 N N   . PRO A 1 64 ? -3.361  -0.051  -6.391  1.00 15.85 ? 274 PRO A N   1 
ATOM   503 C CA  . PRO A 1 64 ? -2.951  -0.963  -7.472  1.00 17.34 ? 274 PRO A CA  1 
ATOM   504 C C   . PRO A 1 64 ? -1.438  -0.960  -7.574  1.00 18.35 ? 274 PRO A C   1 
ATOM   505 O O   . PRO A 1 64 ? -0.785  0.020   -7.197  1.00 17.66 ? 274 PRO A O   1 
ATOM   506 C CB  . PRO A 1 64 ? -3.568  -0.344  -8.738  1.00 18.01 ? 274 PRO A CB  1 
ATOM   507 C CG  . PRO A 1 64 ? -4.195  0.907   -8.336  1.00 18.09 ? 274 PRO A CG  1 
ATOM   508 C CD  . PRO A 1 64 ? -4.033  1.164   -6.875  1.00 16.84 ? 274 PRO A CD  1 
ATOM   509 N N   . VAL A 1 65 ? -0.869  -2.047  -8.081  1.00 20.57 ? 275 VAL A N   1 
ATOM   510 C CA  . VAL A 1 65 ? 0.584   -2.145  -8.153  1.00 21.84 ? 275 VAL A CA  1 
ATOM   511 C C   . VAL A 1 65 ? 1.218   -1.017  -8.958  1.00 21.72 ? 275 VAL A C   1 
ATOM   512 O O   . VAL A 1 65 ? 2.339   -0.606  -8.666  1.00 23.00 ? 275 VAL A O   1 
ATOM   513 C CB  . VAL A 1 65 ? 1.090   -3.543  -8.624  1.00 21.99 ? 275 VAL A CB  1 
ATOM   514 C CG1 . VAL A 1 65 ? 0.522   -4.646  -7.759  1.00 23.55 ? 275 VAL A CG1 1 
ATOM   515 C CG2 . VAL A 1 65 ? 0.817   -3.764  -10.126 1.00 25.80 ? 275 VAL A CG2 1 
ATOM   516 N N   . HIS A 1 66 ? 0.500   -0.484  -9.953  1.00 22.08 ? 276 HIS A N   1 
ATOM   517 C CA  . HIS A 1 66 ? 1.023   0.630   -10.728 1.00 22.03 ? 276 HIS A CA  1 
ATOM   518 C C   . HIS A 1 66 ? 1.193   1.944   -9.942  1.00 22.39 ? 276 HIS A C   1 
ATOM   519 O O   . HIS A 1 66 ? 1.786   2.908   -10.420 1.00 23.59 ? 276 HIS A O   1 
ATOM   520 C CB  . HIS A 1 66 ? 0.232   0.820   -12.043 1.00 22.30 ? 276 HIS A CB  1 
ATOM   521 C CG  . HIS A 1 66 ? -1.187  1.250   -11.855 1.00 20.90 ? 276 HIS A CG  1 
ATOM   522 N ND1 . HIS A 1 66 ? -2.256  0.404   -12.059 1.00 25.42 ? 276 HIS A ND1 1 
ATOM   523 C CD2 . HIS A 1 66 ? -1.714  2.444   -11.506 1.00 20.78 ? 276 HIS A CD2 1 
ATOM   524 C CE1 . HIS A 1 66 ? -3.380  1.065   -11.847 1.00 22.19 ? 276 HIS A CE1 1 
ATOM   525 N NE2 . HIS A 1 66 ? -3.080  2.301   -11.502 1.00 24.11 ? 276 HIS A NE2 1 
ATOM   526 N N   . LYS A 1 67 ? 0.666   1.984   -8.720  1.00 20.11 ? 277 LYS A N   1 
ATOM   527 C CA  . LYS A 1 67 ? 0.825   3.150   -7.860  1.00 20.16 ? 277 LYS A CA  1 
ATOM   528 C C   . LYS A 1 67 ? 1.826   2.894   -6.729  1.00 19.58 ? 277 LYS A C   1 
ATOM   529 O O   . LYS A 1 67 ? 1.963   3.731   -5.841  1.00 20.74 ? 277 LYS A O   1 
ATOM   530 C CB  . LYS A 1 67 ? -0.528  3.568   -7.264  1.00 20.98 ? 277 LYS A CB  1 
ATOM   531 C CG  . LYS A 1 67 ? -1.455  4.270   -8.249  1.00 22.70 ? 277 LYS A CG  1 
ATOM   532 C CD  . LYS A 1 67 ? -0.865  5.616   -8.713  1.00 25.80 ? 277 LYS A CD  1 
ATOM   533 C CE  . LYS A 1 67 ? -1.810  6.429   -9.601  1.00 28.91 ? 277 LYS A CE  1 
ATOM   534 N NZ  . LYS A 1 67 ? -2.312  5.689   -10.792 1.00 32.85 ? 277 LYS A NZ  1 
ATOM   535 N N   . VAL A 1 68 ? 2.487   1.738   -6.775  1.00 18.49 ? 278 VAL A N   1 
ATOM   536 C CA  . VAL A 1 68 ? 3.413   1.316   -5.697  1.00 19.20 ? 278 VAL A CA  1 
ATOM   537 C C   . VAL A 1 68 ? 4.774   1.021   -6.298  1.00 19.27 ? 278 VAL A C   1 
ATOM   538 O O   . VAL A 1 68 ? 4.888   0.220   -7.235  1.00 20.85 ? 278 VAL A O   1 
ATOM   539 C CB  . VAL A 1 68 ? 2.877   0.067   -4.933  1.00 18.94 ? 278 VAL A CB  1 
ATOM   540 C CG1 . VAL A 1 68 ? 3.845   -0.368  -3.839  1.00 20.75 ? 278 VAL A CG1 1 
ATOM   541 C CG2 . VAL A 1 68 ? 1.510   0.343   -4.299  1.00 18.90 ? 278 VAL A CG2 1 
ATOM   542 N N   . THR A 1 69 ? 5.806   1.654   -5.753  0.50 17.68 ? 279 THR A N   1 
ATOM   543 C CA  . THR A 1 69 ? 7.143   1.500   -6.295  0.50 18.26 ? 279 THR A CA  1 
ATOM   544 C C   . THR A 1 69 ? 8.120   1.253   -5.167  0.50 17.19 ? 279 THR A C   1 
ATOM   545 O O   . THR A 1 69 ? 8.018   1.840   -4.086  0.50 14.24 ? 279 THR A O   1 
ATOM   546 C CB  A THR A 1 69 ? 7.584   2.797   -6.978  0.50 19.17 ? 279 THR A CB  1 
ATOM   547 C CB  B THR A 1 69 ? 7.571   2.690   -7.162  0.50 19.16 ? 279 THR A CB  1 
ATOM   548 O OG1 A THR A 1 69 ? 8.893   2.634   -7.548  0.50 21.55 ? 279 THR A OG1 1 
ATOM   549 O OG1 B THR A 1 69 ? 7.280   3.912   -6.486  0.50 19.85 ? 279 THR A OG1 1 
ATOM   550 C CG2 A THR A 1 69 ? 7.621   3.912   -5.969  0.50 19.76 ? 279 THR A CG2 1 
ATOM   551 C CG2 B THR A 1 69 ? 6.820   2.673   -8.480  0.50 18.91 ? 279 THR A CG2 1 
ATOM   552 N N   . LYS A 1 70 ? 9.092   0.399   -5.438  1.00 19.25 ? 280 LYS A N   1 
ATOM   553 C CA  . LYS A 1 70 ? 10.106  0.067   -4.454  1.00 21.28 ? 280 LYS A CA  1 
ATOM   554 C C   . LYS A 1 70 ? 10.952  1.298   -4.132  1.00 21.39 ? 280 LYS A C   1 
ATOM   555 O O   . LYS A 1 70 ? 11.291  2.083   -5.023  1.00 21.00 ? 280 LYS A O   1 
ATOM   556 C CB  . LYS A 1 70 ? 10.963  -1.094  -4.974  1.00 21.09 ? 280 LYS A CB  1 
ATOM   557 C CG  . LYS A 1 70 ? 10.219  -2.427  -4.921  1.00 23.66 ? 280 LYS A CG  1 
ATOM   558 C CD  . LYS A 1 70 ? 11.019  -3.619  -5.454  1.00 25.73 ? 280 LYS A CD  1 
ATOM   559 C CE  . LYS A 1 70 ? 11.999  -4.147  -4.431  1.00 31.16 ? 280 LYS A CE  1 
ATOM   560 N NZ  . LYS A 1 70 ? 13.182  -3.251  -4.251  1.00 35.51 ? 280 LYS A NZ  1 
ATOM   561 N N   . ILE A 1 71 ? 11.259  1.492   -2.851  1.00 21.60 ? 281 ILE A N   1 
ATOM   562 C CA  . ILE A 1 71 ? 12.098  2.624   -2.452  1.00 23.87 ? 281 ILE A CA  1 
ATOM   563 C C   . ILE A 1 71 ? 13.446  2.532   -3.157  1.00 25.55 ? 281 ILE A C   1 
ATOM   564 O O   . ILE A 1 71 ? 14.053  1.463   -3.214  1.00 25.97 ? 281 ILE A O   1 
ATOM   565 C CB  . ILE A 1 71 ? 12.219  2.775   -0.916  1.00 23.75 ? 281 ILE A CB  1 
ATOM   566 C CG1 . ILE A 1 71 ? 10.897  3.309   -0.361  1.00 23.96 ? 281 ILE A CG1 1 
ATOM   567 C CG2 . ILE A 1 71 ? 13.333  3.771   -0.556  1.00 24.12 ? 281 ILE A CG2 1 
ATOM   568 C CD1 . ILE A 1 71 ? 10.817  3.435   1.143   1.00 24.37 ? 281 ILE A CD1 1 
ATOM   569 N N   . GLY A 1 72 ? 13.865  3.654   -3.734  1.00 27.20 ? 282 GLY A N   1 
ATOM   570 C CA  . GLY A 1 72 ? 15.134  3.733   -4.467  1.00 29.11 ? 282 GLY A CA  1 
ATOM   571 C C   . GLY A 1 72 ? 14.954  3.854   -5.968  1.00 30.72 ? 282 GLY A C   1 
ATOM   572 O O   . GLY A 1 72 ? 15.907  4.139   -6.697  1.00 31.38 ? 282 GLY A O   1 
ATOM   573 N N   . PHE A 1 73 ? 13.725  3.648   -6.428  1.00 31.35 ? 283 PHE A N   1 
ATOM   574 C CA  . PHE A 1 73 ? 13.408  3.670   -7.851  1.00 32.43 ? 283 PHE A CA  1 
ATOM   575 C C   . PHE A 1 73 ? 12.460  4.831   -8.144  1.00 32.47 ? 283 PHE A C   1 
ATOM   576 O O   . PHE A 1 73 ? 11.745  5.281   -7.243  1.00 31.81 ? 283 PHE A O   1 
ATOM   577 C CB  . PHE A 1 73 ? 12.777  2.336   -8.264  1.00 32.80 ? 283 PHE A CB  1 
ATOM   578 C CG  . PHE A 1 73 ? 13.690  1.149   -8.096  1.00 35.22 ? 283 PHE A CG  1 
ATOM   579 C CD1 . PHE A 1 73 ? 14.432  0.672   -9.173  1.00 38.52 ? 283 PHE A CD1 1 
ATOM   580 C CD2 . PHE A 1 73 ? 13.803  0.503   -6.866  1.00 37.47 ? 283 PHE A CD2 1 
ATOM   581 C CE1 . PHE A 1 73 ? 15.279  -0.432  -9.028  1.00 39.48 ? 283 PHE A CE1 1 
ATOM   582 C CE2 . PHE A 1 73 ? 14.646  -0.598  -6.706  1.00 38.87 ? 283 PHE A CE2 1 
ATOM   583 C CZ  . PHE A 1 73 ? 15.385  -1.069  -7.788  1.00 40.00 ? 283 PHE A CZ  1 
ATOM   584 N N   . PRO A 1 74 ? 12.442  5.329   -9.399  1.00 32.67 ? 284 PRO A N   1 
ATOM   585 C CA  . PRO A 1 74 ? 11.527  6.428   -9.727  1.00 32.87 ? 284 PRO A CA  1 
ATOM   586 C C   . PRO A 1 74 ? 10.073  5.949   -9.697  1.00 33.17 ? 284 PRO A C   1 
ATOM   587 O O   . PRO A 1 74 ? 9.777   4.838   -10.146 1.00 33.31 ? 284 PRO A O   1 
ATOM   588 C CB  . PRO A 1 74 ? 11.938  6.810   -11.155 1.00 32.94 ? 284 PRO A CB  1 
ATOM   589 C CG  . PRO A 1 74 ? 12.496  5.534   -11.726 1.00 33.22 ? 284 PRO A CG  1 
ATOM   590 C CD  . PRO A 1 74 ? 13.243  4.915   -10.569 1.00 32.99 ? 284 PRO A CD  1 
ATOM   591 N N   . SER A 1 75 ? 9.184   6.776   -9.159  1.00 33.06 ? 285 SER A N   1 
ATOM   592 C CA  . SER A 1 75 ? 7.781   6.394   -9.028  1.00 33.59 ? 285 SER A CA  1 
ATOM   593 C C   . SER A 1 75 ? 6.981   6.637   -10.308 1.00 35.15 ? 285 SER A C   1 
ATOM   594 O O   . SER A 1 75 ? 5.915   6.048   -10.492 1.00 35.55 ? 285 SER A O   1 
ATOM   595 C CB  . SER A 1 75 ? 7.133   7.108   -7.844  1.00 32.94 ? 285 SER A CB  1 
ATOM   596 O OG  . SER A 1 75 ? 7.070   8.502   -8.058  1.00 29.62 ? 285 SER A OG  1 
ATOM   597 N N   . THR A 1 76 ? 7.493   7.521   -11.166 1.00 36.35 ? 286 THR A N   1 
ATOM   598 C CA  . THR A 1 76 ? 6.906   7.802   -12.481 1.00 37.91 ? 286 THR A CA  1 
ATOM   599 C C   . THR A 1 76 ? 8.009   8.068   -13.503 1.00 38.14 ? 286 THR A C   1 
ATOM   600 O O   . THR A 1 76 ? 9.041   8.665   -13.183 1.00 38.65 ? 286 THR A O   1 
ATOM   601 C CB  . THR A 1 76 ? 5.939   9.016   -12.463 1.00 38.06 ? 286 THR A CB  1 
ATOM   602 O OG1 . THR A 1 76 ? 6.450   10.046  -11.603 1.00 39.99 ? 286 THR A OG1 1 
ATOM   603 C CG2 . THR A 1 76 ? 4.552   8.602   -11.988 1.00 39.13 ? 286 THR A CG2 1 
ATOM   604 N N   . VAL A 1 86 ? 1.862   16.852  -8.787  1.00 30.37 ? 296 VAL A N   1 
ATOM   605 C CA  . VAL A 1 86 ? 2.009   16.549  -7.367  1.00 29.77 ? 296 VAL A CA  1 
ATOM   606 C C   . VAL A 1 86 ? 3.477   16.247  -7.074  1.00 27.96 ? 296 VAL A C   1 
ATOM   607 O O   . VAL A 1 86 ? 4.088   15.401  -7.739  1.00 28.30 ? 296 VAL A O   1 
ATOM   608 C CB  . VAL A 1 86 ? 1.107   15.360  -6.935  1.00 30.46 ? 296 VAL A CB  1 
ATOM   609 C CG1 . VAL A 1 86 ? 1.325   14.994  -5.467  1.00 31.90 ? 296 VAL A CG1 1 
ATOM   610 C CG2 . VAL A 1 86 ? -0.368  15.682  -7.177  1.00 31.80 ? 296 VAL A CG2 1 
ATOM   611 N N   . ARG A 1 87 ? 4.034   16.970  -6.105  1.00 26.17 ? 297 ARG A N   1 
ATOM   612 C CA  . ARG A 1 87 ? 5.415   16.754  -5.654  1.00 23.85 ? 297 ARG A CA  1 
ATOM   613 C C   . ARG A 1 87 ? 5.547   15.338  -5.077  1.00 22.55 ? 297 ARG A C   1 
ATOM   614 O O   . ARG A 1 87 ? 4.724   14.899  -4.251  1.00 23.42 ? 297 ARG A O   1 
ATOM   615 C CB  . ARG A 1 87 ? 5.794   17.762  -4.576  1.00 24.51 ? 297 ARG A CB  1 
ATOM   616 C CG  . ARG A 1 87 ? 5.946   19.193  -5.040  1.00 25.76 ? 297 ARG A CG  1 
ATOM   617 C CD  . ARG A 1 87 ? 5.818   20.124  -3.837  1.00 27.58 ? 297 ARG A CD  1 
ATOM   618 N NE  . ARG A 1 87 ? 6.175   21.510  -4.141  1.00 29.11 ? 297 ARG A NE  1 
ATOM   619 C CZ  . ARG A 1 87 ? 5.306   22.455  -4.486  1.00 31.90 ? 297 ARG A CZ  1 
ATOM   620 N NH1 . ARG A 1 87 ? 4.008   22.175  -4.599  1.00 33.65 ? 297 ARG A NH1 1 
ATOM   621 N NH2 . ARG A 1 87 ? 5.735   23.684  -4.734  1.00 32.30 ? 297 ARG A NH2 1 
ATOM   622 N N   . ARG A 1 88 ? 6.577   14.625  -5.512  1.00 19.57 ? 298 ARG A N   1 
ATOM   623 C CA  . ARG A 1 88 ? 6.832   13.271  -5.027  1.00 18.68 ? 298 ARG A CA  1 
ATOM   624 C C   . ARG A 1 88 ? 8.192   13.198  -4.373  1.00 17.56 ? 298 ARG A C   1 
ATOM   625 O O   . ARG A 1 88 ? 9.098   13.972  -4.703  1.00 18.10 ? 298 ARG A O   1 
ATOM   626 C CB  . ARG A 1 88 ? 6.782   12.258  -6.170  1.00 18.24 ? 298 ARG A CB  1 
ATOM   627 C CG  . ARG A 1 88 ? 5.387   12.144  -6.804  1.00 19.29 ? 298 ARG A CG  1 
ATOM   628 C CD  . ARG A 1 88 ? 5.430   11.355  -8.084  1.00 23.68 ? 298 ARG A CD  1 
ATOM   629 N NE  . ARG A 1 88 ? 4.072   10.994  -8.497  1.00 27.82 ? 298 ARG A NE  1 
ATOM   630 C CZ  . ARG A 1 88 ? 3.601   9.746   -8.566  1.00 28.46 ? 298 ARG A CZ  1 
ATOM   631 N NH1 . ARG A 1 88 ? 4.373   8.699   -8.289  1.00 29.11 ? 298 ARG A NH1 1 
ATOM   632 N NH2 . ARG A 1 88 ? 2.342   9.540   -8.941  1.00 29.95 ? 298 ARG A NH2 1 
ATOM   633 N N   . VAL A 1 89 ? 8.339   12.237  -3.470  1.00 17.07 ? 299 VAL A N   1 
ATOM   634 C CA  . VAL A 1 89 ? 9.610   11.960  -2.804  1.00 16.55 ? 299 VAL A CA  1 
ATOM   635 C C   . VAL A 1 89 ? 10.657  11.568  -3.822  1.00 17.65 ? 299 VAL A C   1 
ATOM   636 O O   . VAL A 1 89 ? 11.767  12.132  -3.845  1.00 16.49 ? 299 VAL A O   1 
ATOM   637 C CB  . VAL A 1 89 ? 9.399   10.801  -1.778  1.00 15.85 ? 299 VAL A CB  1 
ATOM   638 C CG1 . VAL A 1 89 ? 10.715  10.243  -1.211  1.00 16.64 ? 299 VAL A CG1 1 
ATOM   639 C CG2 . VAL A 1 89 ? 8.466   11.234  -0.651  1.00 16.55 ? 299 VAL A CG2 1 
ATOM   640 N N   . MET A 1 90 ? 10.287  10.605  -4.662  0.50 16.66 ? 300 MET A N   1 
ATOM   641 C CA  . MET A 1 90 ? 11.097  10.144  -5.775  0.50 19.56 ? 300 MET A CA  1 
ATOM   642 C C   . MET A 1 90 ? 10.179  9.428   -6.750  0.50 18.02 ? 300 MET A C   1 
ATOM   643 O O   . MET A 1 90 ? 8.977   9.343   -6.488  0.50 14.84 ? 300 MET A O   1 
ATOM   644 C CB  A MET A 1 90 ? 12.271  9.271   -5.298  0.50 19.61 ? 300 MET A CB  1 
ATOM   645 C CB  B MET A 1 90 ? 12.116  9.152   -5.256  0.50 19.28 ? 300 MET A CB  1 
ATOM   646 C CG  A MET A 1 90 ? 11.969  7.806   -5.046  0.50 21.60 ? 300 MET A CG  1 
ATOM   647 C CG  B MET A 1 90 ? 11.493  7.856   -4.783  0.50 21.10 ? 300 MET A CG  1 
ATOM   648 S SD  A MET A 1 90 ? 13.435  6.918   -4.478  0.50 26.72 ? 300 MET A SD  1 
ATOM   649 S SD  B MET A 1 90 ? 12.733  6.659   -4.285  0.50 24.21 ? 300 MET A SD  1 
ATOM   650 C CE  A MET A 1 90 ? 13.442  7.321   -2.727  0.50 19.31 ? 300 MET A CE  1 
ATOM   651 C CE  B MET A 1 90 ? 14.013  7.084   -5.524  0.50 15.40 ? 300 MET A CE  1 
HETATM 652 O O   . HOH B 2 .  ? -13.302 -5.327  0.883   1.00 18.13 ? 1   HOH A O   1 
HETATM 653 O O   . HOH B 2 .  ? 4.414   6.966   5.620   1.00 16.22 ? 2   HOH A O   1 
HETATM 654 O O   . HOH B 2 .  ? 1.143   -9.322  6.469   1.00 18.28 ? 3   HOH A O   1 
HETATM 655 O O   . HOH B 2 .  ? -15.562 -4.760  -0.564  1.00 19.22 ? 4   HOH A O   1 
HETATM 656 O O   . HOH B 2 .  ? -1.033  -11.307 0.596   1.00 22.33 ? 5   HOH A O   1 
HETATM 657 O O   . HOH B 2 .  ? 5.679   0.867   7.834   1.00 16.64 ? 6   HOH A O   1 
HETATM 658 O O   . HOH B 2 .  ? 3.292   12.238  2.265   1.00 23.84 ? 7   HOH A O   1 
HETATM 659 O O   . HOH B 2 .  ? -1.931  -9.103  9.443   1.00 21.06 ? 8   HOH A O   1 
HETATM 660 O O   . HOH B 2 .  ? 8.988   -1.533  6.868   1.00 19.34 ? 9   HOH A O   1 
HETATM 661 O O   . HOH B 2 .  ? 0.775   -1.443  12.594  1.00 21.46 ? 10  HOH A O   1 
HETATM 662 O O   . HOH B 2 .  ? 4.862   5.067   -5.842  1.00 22.01 ? 11  HOH A O   1 
HETATM 663 O O   . HOH B 2 .  ? -8.034  3.210   10.057  1.00 25.06 ? 12  HOH A O   1 
HETATM 664 O O   . HOH B 2 .  ? 10.269  -8.678  0.794   1.00 18.67 ? 13  HOH A O   1 
HETATM 665 O O   . HOH B 2 .  ? 3.039   15.918  -2.548  1.00 23.97 ? 14  HOH A O   1 
HETATM 666 O O   . HOH B 2 .  ? -0.622  -10.938 3.489   1.00 21.01 ? 15  HOH A O   1 
HETATM 667 O O   . HOH B 2 .  ? -9.456  -8.318  -7.012  1.00 20.89 ? 16  HOH A O   1 
HETATM 668 O O   . HOH B 2 .  ? 0.982   12.467  0.831   1.00 27.48 ? 17  HOH A O   1 
HETATM 669 O O   . HOH B 2 .  ? 7.075   -1.340  8.942   0.50 18.11 ? 18  HOH A O   1 
HETATM 670 O O   . HOH B 2 .  ? -1.059  -10.600 7.458   1.00 21.43 ? 19  HOH A O   1 
HETATM 671 O O   . HOH B 2 .  ? -12.145 -8.544  -6.886  1.00 22.51 ? 20  HOH A O   1 
HETATM 672 O O   . HOH B 2 .  ? -16.775 -7.319  2.546   1.00 30.99 ? 21  HOH A O   1 
HETATM 673 O O   . HOH B 2 .  ? -2.699  -11.073 5.251   1.00 23.20 ? 22  HOH A O   1 
HETATM 674 O O   . HOH B 2 .  ? 3.500   5.590   -8.298  1.00 28.67 ? 23  HOH A O   1 
HETATM 675 O O   . HOH B 2 .  ? 12.615  -3.469  0.190   1.00 30.07 ? 24  HOH A O   1 
HETATM 676 O O   . HOH B 2 .  ? 5.021   -11.847 -2.065  1.00 31.68 ? 25  HOH A O   1 
HETATM 677 O O   . HOH B 2 .  ? -14.314 -4.111  -14.242 0.50 18.49 ? 26  HOH A O   1 
HETATM 678 O O   . HOH B 2 .  ? 10.216  4.632   -5.121  1.00 32.55 ? 27  HOH A O   1 
HETATM 679 O O   . HOH B 2 .  ? -4.851  -0.830  16.872  1.00 40.13 ? 28  HOH A O   1 
HETATM 680 O O   . HOH B 2 .  ? -5.305  -13.321 -4.215  1.00 29.46 ? 29  HOH A O   1 
HETATM 681 O O   . HOH B 2 .  ? -6.899  -8.865  13.189  1.00 31.00 ? 30  HOH A O   1 
HETATM 682 O O   . HOH B 2 .  ? -7.120  -12.025 -1.304  1.00 32.35 ? 31  HOH A O   1 
HETATM 683 O O   . HOH B 2 .  ? -12.245 -11.060 6.443   1.00 31.22 ? 32  HOH A O   1 
HETATM 684 O O   . HOH B 2 .  ? -3.021  3.854   16.307  1.00 35.27 ? 33  HOH A O   1 
HETATM 685 O O   . HOH B 2 .  ? -17.079 -8.239  -4.041  1.00 27.77 ? 34  HOH A O   1 
HETATM 686 O O   . HOH B 2 .  ? -3.530  5.785   14.594  1.00 29.82 ? 35  HOH A O   1 
HETATM 687 O O   . HOH B 2 .  ? 11.966  -10.872 0.479   1.00 28.03 ? 36  HOH A O   1 
HETATM 688 O O   . HOH B 2 .  ? -4.617  9.538   7.805   1.00 28.82 ? 37  HOH A O   1 
HETATM 689 O O   . HOH B 2 .  ? -7.455  -12.067 1.481   1.00 32.97 ? 38  HOH A O   1 
HETATM 690 O O   . HOH B 2 .  ? -5.417  -11.815 3.356   1.00 28.33 ? 39  HOH A O   1 
HETATM 691 O O   . HOH B 2 .  ? -14.983 -10.741 -4.650  1.00 33.98 ? 40  HOH A O   1 
HETATM 692 O O   . HOH B 2 .  ? 4.654   -0.755  -9.269  1.00 24.00 ? 41  HOH A O   1 
HETATM 693 O O   . HOH B 2 .  ? -9.194  -5.997  14.330  1.00 32.83 ? 42  HOH A O   1 
HETATM 694 O O   . HOH B 2 .  ? 7.659   -12.149 0.526   1.00 31.26 ? 43  HOH A O   1 
HETATM 695 O O   . HOH B 2 .  ? 0.662   10.754  -6.058  1.00 32.50 ? 44  HOH A O   1 
HETATM 696 O O   . HOH B 2 .  ? -2.207  -4.088  -9.467  1.00 27.78 ? 45  HOH A O   1 
HETATM 697 O O   . HOH B 2 .  ? -17.560 -6.415  0.209   1.00 33.98 ? 46  HOH A O   1 
HETATM 698 O O   . HOH B 2 .  ? 0.908   14.331  -1.403  1.00 31.02 ? 47  HOH A O   1 
HETATM 699 O O   . HOH B 2 .  ? -0.976  7.258   15.144  1.00 40.18 ? 48  HOH A O   1 
HETATM 700 O O   . HOH B 2 .  ? 12.146  -2.162  -1.838  1.00 37.20 ? 49  HOH A O   1 
HETATM 701 O O   . HOH B 2 .  ? -10.921 6.238   6.526   1.00 33.94 ? 50  HOH A O   1 
HETATM 702 O O   . HOH B 2 .  ? -5.348  -10.573 8.404   1.00 37.16 ? 51  HOH A O   1 
HETATM 703 O O   . HOH B 2 .  ? 12.828  -6.081  -0.772  1.00 36.45 ? 52  HOH A O   1 
HETATM 704 O O   . HOH B 2 .  ? -0.843  -7.146  13.035  1.00 35.31 ? 53  HOH A O   1 
HETATM 705 O O   . HOH B 2 .  ? -18.503 -8.422  -1.119  1.00 43.20 ? 54  HOH A O   1 
HETATM 706 O O   . HOH B 2 .  ? -1.137  -6.273  -10.457 1.00 39.53 ? 55  HOH A O   1 
HETATM 707 O O   . HOH B 2 .  ? 10.385  -13.141 0.074   1.00 36.59 ? 56  HOH A O   1 
HETATM 708 O O   . HOH B 2 .  ? 18.398  3.122   -6.382  1.00 36.41 ? 57  HOH A O   1 
HETATM 709 O O   . HOH B 2 .  ? -5.061  8.205   0.602   1.00 35.50 ? 58  HOH A O   1 
HETATM 710 O O   . HOH B 2 .  ? -9.807  1.407   11.321  1.00 41.89 ? 59  HOH A O   1 
HETATM 711 O O   . HOH B 2 .  ? 10.678  -7.479  -4.653  1.00 38.49 ? 60  HOH A O   1 
HETATM 712 O O   . HOH B 2 .  ? 9.309   -0.530  -8.180  1.00 28.79 ? 61  HOH A O   1 
HETATM 713 O O   . HOH B 2 .  ? -11.473 -8.024  11.828  1.00 45.47 ? 62  HOH A O   1 
HETATM 714 O O   . HOH B 2 .  ? -7.361  -11.727 6.903   1.00 38.19 ? 63  HOH A O   1 
HETATM 715 O O   . HOH B 2 .  ? -10.796 -10.245 -7.994  1.00 31.91 ? 64  HOH A O   1 
HETATM 716 O O   . HOH B 2 .  ? -10.261 -9.447  -10.254 1.00 36.72 ? 65  HOH A O   1 
HETATM 717 O O   . HOH B 2 .  ? -9.464  -11.713 3.120   1.00 45.08 ? 66  HOH A O   1 
HETATM 718 O O   . HOH B 2 .  ? 4.180   6.857   13.180  1.00 34.25 ? 67  HOH A O   1 
HETATM 719 O O   . HOH B 2 .  ? 4.862   -11.236 -5.338  1.00 37.76 ? 68  HOH A O   1 
HETATM 720 O O   . HOH B 2 .  ? -2.951  -10.524 11.804  1.00 35.31 ? 69  HOH A O   1 
HETATM 721 O O   . HOH B 2 .  ? 4.606   1.260   -11.021 1.00 43.77 ? 70  HOH A O   1 
HETATM 722 O O   . HOH B 2 .  ? -4.420  9.044   2.818   1.00 38.65 ? 71  HOH A O   1 
HETATM 723 O O   . HOH B 2 .  ? -1.807  7.563   -2.573  1.00 52.92 ? 72  HOH A O   1 
HETATM 724 O O   . HOH B 2 .  ? -13.745 -12.455 1.116   1.00 34.65 ? 73  HOH A O   1 
HETATM 725 O O   . HOH B 2 .  ? 3.438   0.764   -13.869 1.00 41.49 ? 74  HOH A O   1 
HETATM 726 O O   . HOH B 2 .  ? 2.635   19.321  -5.268  1.00 42.57 ? 75  HOH A O   1 
HETATM 727 O O   . HOH B 2 .  ? -4.027  12.191  6.458   1.00 47.81 ? 76  HOH A O   1 
HETATM 728 O O   . HOH B 2 .  ? -8.642  -1.509  14.281  1.00 47.72 ? 77  HOH A O   1 
HETATM 729 O O   . HOH B 2 .  ? -9.460  -14.232 -5.827  1.00 59.21 ? 78  HOH A O   1 
HETATM 730 O O   . HOH B 2 .  ? 7.005   4.088   11.628  0.50 22.84 ? 79  HOH A O   1 
HETATM 731 O O   . HOH B 2 .  ? 7.974   6.608   11.585  1.00 43.61 ? 80  HOH A O   1 
HETATM 732 O O   . HOH B 2 .  ? -4.429  6.153   -13.096 1.00 41.81 ? 81  HOH A O   1 
HETATM 733 O O   . HOH B 2 .  ? 12.547  -6.508  -9.211  1.00 52.43 ? 82  HOH A O   1 
HETATM 734 O O   . HOH B 2 .  ? 2.045   18.306  -3.027  1.00 44.98 ? 83  HOH A O   1 
HETATM 735 O O   . HOH B 2 .  ? -11.515 -11.031 -5.691  1.00 41.04 ? 84  HOH A O   1 
HETATM 736 O O   . HOH B 2 .  ? 0.080   4.787   -11.893 1.00 44.03 ? 85  HOH A O   1 
HETATM 737 O O   . HOH B 2 .  ? -5.764  -10.554 11.169  1.00 43.17 ? 86  HOH A O   1 
HETATM 738 O O   . HOH B 2 .  ? 6.857   -1.705  -8.957  1.00 44.26 ? 87  HOH A O   1 
HETATM 739 O O   . HOH B 2 .  ? -3.296  -12.828 1.377   1.00 37.84 ? 88  HOH A O   1 
HETATM 740 O O   . HOH B 2 .  ? -0.311  14.854  4.763   1.00 42.11 ? 89  HOH A O   1 
HETATM 741 O O   . HOH B 2 .  ? 12.192  4.930   5.478   1.00 45.26 ? 90  HOH A O   1 
HETATM 742 O O   . HOH B 2 .  ? -14.303 -2.878  7.427   1.00 40.66 ? 91  HOH A O   1 
HETATM 743 O O   . HOH B 2 .  ? 3.104   13.493  -9.564  1.00 44.15 ? 92  HOH A O   1 
HETATM 744 O O   . HOH B 2 .  ? -4.603  -13.236 -0.920  1.00 47.92 ? 93  HOH A O   1 
HETATM 745 O O   . HOH B 2 .  ? -2.519  11.537  10.759  1.00 43.85 ? 94  HOH A O   1 
HETATM 746 O O   . HOH B 2 .  ? -19.697 -8.907  -3.588  1.00 53.18 ? 95  HOH A O   1 
HETATM 747 O O   . HOH B 2 .  ? 1.524   -12.173 -2.503  1.00 56.20 ? 96  HOH A O   1 
HETATM 748 O O   . HOH B 2 .  ? 17.756  5.794   -5.449  1.00 53.63 ? 97  HOH A O   1 
HETATM 749 O O   . HOH B 2 .  ? -11.650 -11.410 9.334   1.00 48.21 ? 98  HOH A O   1 
HETATM 750 O O   . HOH B 2 .  ? 0.076   10.784  -3.280  1.00 52.45 ? 99  HOH A O   1 
HETATM 751 O O   . HOH B 2 .  ? -2.879  11.327  4.221   1.00 41.38 ? 100 HOH A O   1 
HETATM 752 O O   . HOH B 2 .  ? -5.911  -13.459 5.570   1.00 42.07 ? 101 HOH A O   1 
HETATM 753 O O   . HOH B 2 .  ? -15.777 -10.800 3.923   1.00 46.64 ? 102 HOH A O   1 
HETATM 754 O O   . HOH B 2 .  ? -3.433  8.822   -1.040  1.00 65.34 ? 103 HOH A O   1 
HETATM 755 O O   . HOH B 2 .  ? 4.436   -9.100  -7.656  1.00 47.20 ? 104 HOH A O   1 
HETATM 756 O O   . HOH B 2 .  ? 14.617  -5.576  -2.716  1.00 51.83 ? 105 HOH A O   1 
HETATM 757 O O   . HOH B 2 .  ? 4.215   -1.246  -11.725 1.00 54.23 ? 106 HOH A O   1 
HETATM 758 O O   . HOH B 2 .  ? 14.216  -1.102  -3.099  1.00 51.47 ? 107 HOH A O   1 
HETATM 759 O O   . HOH B 2 .  ? -13.533 -9.447  9.176   1.00 62.24 ? 108 HOH A O   1 
HETATM 760 O O   . HOH B 2 .  ? -0.752  13.068  2.983   1.00 43.80 ? 109 HOH A O   1 
HETATM 761 O O   . HOH B 2 .  ? 2.944   -7.103  -8.603  1.00 52.61 ? 110 HOH A O   1 
HETATM 762 O O   . HOH B 2 .  ? 15.889  -3.110  -3.679  1.00 58.53 ? 111 HOH A O   1 
HETATM 763 O O   . HOH B 2 .  ? -2.126  7.332   -12.990 1.00 66.99 ? 112 HOH A O   1 
HETATM 764 O O   . HOH B 2 .  ? -1.442  13.062  -3.134  1.00 55.36 ? 113 HOH A O   1 
HETATM 765 O O   . HOH B 2 .  ? 13.793  -9.787  -1.440  1.00 46.75 ? 114 HOH A O   1 
HETATM 766 O O   . HOH B 2 .  ? -19.950 -4.918  3.851   1.00 44.54 ? 115 HOH A O   1 
HETATM 767 O O   . HOH B 2 .  ? -9.002  5.683   9.506   1.00 65.18 ? 116 HOH A O   1 
HETATM 768 O O   . HOH B 2 .  ? -13.672 -5.780  9.203   1.00 53.53 ? 117 HOH A O   1 
HETATM 769 O O   . HOH B 2 .  ? -3.185  4.306   -2.312  1.00 53.03 ? 118 HOH A O   1 
HETATM 770 O O   . HOH B 2 .  ? 7.439   -4.276  -9.522  1.00 49.77 ? 119 HOH A O   1 
# 
loop_
_pdbx_poly_seq_scheme.asym_id 
_pdbx_poly_seq_scheme.entity_id 
_pdbx_poly_seq_scheme.seq_id 
_pdbx_poly_seq_scheme.mon_id 
_pdbx_poly_seq_scheme.ndb_seq_num 
_pdbx_poly_seq_scheme.pdb_seq_num 
_pdbx_poly_seq_scheme.auth_seq_num 
_pdbx_poly_seq_scheme.pdb_mon_id 
_pdbx_poly_seq_scheme.auth_mon_id 
_pdbx_poly_seq_scheme.pdb_strand_id 
_pdbx_poly_seq_scheme.pdb_ins_code 
_pdbx_poly_seq_scheme.hetero 
A 1 1  GLU 1  211 211 GLU GLU A . n 
A 1 2  LEU 2  212 212 LEU LEU A . n 
A 1 3  LYS 3  213 213 LYS LYS A . n 
A 1 4  ILE 4  214 214 ILE ILE A . n 
A 1 5  GLY 5  215 215 GLY GLY A . n 
A 1 6  ASP 6  216 216 ASP ASP A . n 
A 1 7  ARG 7  217 217 ARG ARG A . n 
A 1 8  VAL 8  218 218 VAL VAL A . n 
A 1 9  LEU 9  219 219 LEU LEU A . n 
A 1 10 VAL 10 220 220 VAL VAL A . n 
A 1 11 GLY 11 221 221 GLY GLY A . n 
A 1 12 GLY 12 222 222 GLY GLY A . n 
A 1 13 THR 13 223 223 THR THR A . n 
A 1 14 LYS 14 224 224 LYS LYS A . n 
A 1 15 ALA 15 225 225 ALA ALA A . n 
A 1 16 GLY 16 226 226 GLY GLY A . n 
A 1 17 VAL 17 227 227 VAL VAL A . n 
A 1 18 VAL 18 228 228 VAL VAL A . n 
A 1 19 ARG 19 229 229 ARG ARG A . n 
A 1 20 PHE 20 230 230 PHE PHE A . n 
A 1 21 LEU 21 231 231 LEU LEU A . n 
A 1 22 GLY 22 232 232 GLY GLY A . n 
A 1 23 GLU 23 233 233 GLU GLU A . n 
A 1 24 THR 24 234 234 THR THR A . n 
A 1 25 ASP 25 235 235 ASP ASP A . n 
A 1 26 PHE 26 236 236 PHE PHE A . n 
A 1 27 ALA 27 237 237 ALA ALA A . n 
A 1 28 LYS 28 238 238 LYS LYS A . n 
A 1 29 GLY 29 239 239 GLY GLY A . n 
A 1 30 GLU 30 240 240 GLU GLU A . n 
A 1 31 TRP 31 241 241 TRP TRP A . n 
A 1 32 CYS 32 242 242 CYS CYS A . n 
A 1 33 GLY 33 243 243 GLY GLY A . n 
A 1 34 VAL 34 244 244 VAL VAL A . n 
A 1 35 GLU 35 245 245 GLU GLU A . n 
A 1 36 LEU 36 246 246 LEU LEU A . n 
A 1 37 ASP 37 247 247 ASP ASP A . n 
A 1 38 GLU 38 248 248 GLU GLU A . n 
A 1 39 PRO 39 249 249 PRO PRO A . n 
A 1 40 LEU 40 250 250 LEU LEU A . n 
A 1 41 GLY 41 251 251 GLY GLY A . n 
A 1 42 LYS 42 252 252 LYS LYS A . n 
A 1 43 ASN 43 253 253 ASN ASN A . n 
A 1 44 ASP 44 254 254 ASP ASP A . n 
A 1 45 GLY 45 255 255 GLY GLY A . n 
A 1 46 ALA 46 256 256 ALA ALA A . n 
A 1 47 VAL 47 257 257 VAL VAL A . n 
A 1 48 ALA 48 258 258 ALA ALA A . n 
A 1 49 GLY 49 259 259 GLY GLY A . n 
A 1 50 THR 50 260 260 THR THR A . n 
A 1 51 ARG 51 261 261 ARG ARG A . n 
A 1 52 TYR 52 262 262 TYR TYR A . n 
A 1 53 PHE 53 263 263 PHE PHE A . n 
A 1 54 GLN 54 264 264 GLN GLN A . n 
A 1 55 CYS 55 265 265 CYS CYS A . n 
A 1 56 GLN 56 266 266 GLN GLN A . n 
A 1 57 PRO 57 267 267 PRO PRO A . n 
A 1 58 LYS 58 268 268 LYS LYS A . n 
A 1 59 TYR 59 269 269 TYR TYR A . n 
A 1 60 GLY 60 270 270 GLY GLY A . n 
A 1 61 LEU 61 271 271 LEU LEU A . n 
A 1 62 PHE 62 272 272 PHE PHE A . n 
A 1 63 ALA 63 273 273 ALA ALA A . n 
A 1 64 PRO 64 274 274 PRO PRO A . n 
A 1 65 VAL 65 275 275 VAL VAL A . n 
A 1 66 HIS 66 276 276 HIS HIS A . n 
A 1 67 LYS 67 277 277 LYS LYS A . n 
A 1 68 VAL 68 278 278 VAL VAL A . n 
A 1 69 THR 69 279 279 THR THR A . n 
A 1 70 LYS 70 280 280 LYS LYS A . n 
A 1 71 ILE 71 281 281 ILE ILE A . n 
A 1 72 GLY 72 282 282 GLY GLY A . n 
A 1 73 PHE 73 283 283 PHE PHE A . n 
A 1 74 PRO 74 284 284 PRO PRO A . n 
A 1 75 SER 75 285 285 SER SER A . n 
A 1 76 THR 76 286 286 THR THR A . n 
A 1 77 THR 77 287 ?   ?   ?   A . n 
A 1 78 PRO 78 288 ?   ?   ?   A . n 
A 1 79 ALA 79 289 ?   ?   ?   A . n 
A 1 80 LYS 80 290 ?   ?   ?   A . n 
A 1 81 ALA 81 291 ?   ?   ?   A . n 
A 1 82 LYS 82 292 ?   ?   ?   A . n 
A 1 83 ALA 83 293 ?   ?   ?   A . n 
A 1 84 ASN 84 294 ?   ?   ?   A . n 
A 1 85 ALA 85 295 ?   ?   ?   A . n 
A 1 86 VAL 86 296 296 VAL VAL A . n 
A 1 87 ARG 87 297 297 ARG ARG A . n 
A 1 88 ARG 88 298 298 ARG ARG A . n 
A 1 89 VAL 89 299 299 VAL VAL A . n 
A 1 90 MET 90 300 300 MET MET A . n 
# 
loop_
_pdbx_nonpoly_scheme.asym_id 
_pdbx_nonpoly_scheme.entity_id 
_pdbx_nonpoly_scheme.mon_id 
_pdbx_nonpoly_scheme.ndb_seq_num 
_pdbx_nonpoly_scheme.pdb_seq_num 
_pdbx_nonpoly_scheme.auth_seq_num 
_pdbx_nonpoly_scheme.pdb_mon_id 
_pdbx_nonpoly_scheme.auth_mon_id 
_pdbx_nonpoly_scheme.pdb_strand_id 
_pdbx_nonpoly_scheme.pdb_ins_code 
B 2 HOH 1   1   1   HOH HOH A . 
B 2 HOH 2   2   2   HOH HOH A . 
B 2 HOH 3   3   3   HOH HOH A . 
B 2 HOH 4   4   4   HOH HOH A . 
B 2 HOH 5   5   5   HOH HOH A . 
B 2 HOH 6   6   6   HOH HOH A . 
B 2 HOH 7   7   7   HOH HOH A . 
B 2 HOH 8   8   8   HOH HOH A . 
B 2 HOH 9   9   9   HOH HOH A . 
B 2 HOH 10  10  10  HOH HOH A . 
B 2 HOH 11  11  11  HOH HOH A . 
B 2 HOH 12  12  12  HOH HOH A . 
B 2 HOH 13  13  13  HOH HOH A . 
B 2 HOH 14  14  14  HOH HOH A . 
B 2 HOH 15  15  15  HOH HOH A . 
B 2 HOH 16  16  16  HOH HOH A . 
B 2 HOH 17  17  17  HOH HOH A . 
B 2 HOH 18  18  18  HOH HOH A . 
B 2 HOH 19  19  19  HOH HOH A . 
B 2 HOH 20  20  20  HOH HOH A . 
B 2 HOH 21  21  21  HOH HOH A . 
B 2 HOH 22  22  22  HOH HOH A . 
B 2 HOH 23  23  23  HOH HOH A . 
B 2 HOH 24  24  24  HOH HOH A . 
B 2 HOH 25  25  25  HOH HOH A . 
B 2 HOH 26  26  26  HOH HOH A . 
B 2 HOH 27  27  27  HOH HOH A . 
B 2 HOH 28  28  28  HOH HOH A . 
B 2 HOH 29  29  29  HOH HOH A . 
B 2 HOH 30  30  30  HOH HOH A . 
B 2 HOH 31  31  31  HOH HOH A . 
B 2 HOH 32  32  32  HOH HOH A . 
B 2 HOH 33  33  33  HOH HOH A . 
B 2 HOH 34  34  34  HOH HOH A . 
B 2 HOH 35  35  35  HOH HOH A . 
B 2 HOH 36  36  36  HOH HOH A . 
B 2 HOH 37  37  37  HOH HOH A . 
B 2 HOH 38  38  38  HOH HOH A . 
B 2 HOH 39  39  39  HOH HOH A . 
B 2 HOH 40  40  40  HOH HOH A . 
B 2 HOH 41  41  41  HOH HOH A . 
B 2 HOH 42  42  42  HOH HOH A . 
B 2 HOH 43  43  43  HOH HOH A . 
B 2 HOH 44  44  44  HOH HOH A . 
B 2 HOH 45  45  45  HOH HOH A . 
B 2 HOH 46  46  46  HOH HOH A . 
B 2 HOH 47  47  47  HOH HOH A . 
B 2 HOH 48  48  48  HOH HOH A . 
B 2 HOH 49  49  49  HOH HOH A . 
B 2 HOH 50  50  50  HOH HOH A . 
B 2 HOH 51  51  51  HOH HOH A . 
B 2 HOH 52  52  52  HOH HOH A . 
B 2 HOH 53  53  53  HOH HOH A . 
B 2 HOH 54  54  54  HOH HOH A . 
B 2 HOH 55  55  55  HOH HOH A . 
B 2 HOH 56  56  56  HOH HOH A . 
B 2 HOH 57  57  57  HOH HOH A . 
B 2 HOH 58  58  58  HOH HOH A . 
B 2 HOH 59  59  59  HOH HOH A . 
B 2 HOH 60  60  60  HOH HOH A . 
B 2 HOH 61  61  61  HOH HOH A . 
B 2 HOH 62  62  62  HOH HOH A . 
B 2 HOH 63  63  63  HOH HOH A . 
B 2 HOH 64  64  64  HOH HOH A . 
B 2 HOH 65  65  65  HOH HOH A . 
B 2 HOH 66  66  66  HOH HOH A . 
B 2 HOH 67  67  67  HOH HOH A . 
B 2 HOH 68  68  68  HOH HOH A . 
B 2 HOH 69  69  69  HOH HOH A . 
B 2 HOH 70  70  70  HOH HOH A . 
B 2 HOH 71  71  71  HOH HOH A . 
B 2 HOH 72  72  72  HOH HOH A . 
B 2 HOH 73  73  73  HOH HOH A . 
B 2 HOH 74  74  74  HOH HOH A . 
B 2 HOH 75  75  75  HOH HOH A . 
B 2 HOH 76  76  76  HOH HOH A . 
B 2 HOH 77  77  77  HOH HOH A . 
B 2 HOH 78  78  78  HOH HOH A . 
B 2 HOH 79  79  79  HOH HOH A . 
B 2 HOH 80  80  80  HOH HOH A . 
B 2 HOH 81  81  81  HOH HOH A . 
B 2 HOH 82  82  82  HOH HOH A . 
B 2 HOH 83  83  83  HOH HOH A . 
B 2 HOH 84  84  84  HOH HOH A . 
B 2 HOH 85  85  85  HOH HOH A . 
B 2 HOH 86  86  86  HOH HOH A . 
B 2 HOH 87  87  87  HOH HOH A . 
B 2 HOH 88  88  88  HOH HOH A . 
B 2 HOH 89  89  89  HOH HOH A . 
B 2 HOH 90  90  90  HOH HOH A . 
B 2 HOH 91  91  91  HOH HOH A . 
B 2 HOH 92  92  92  HOH HOH A . 
B 2 HOH 93  93  93  HOH HOH A . 
B 2 HOH 94  94  94  HOH HOH A . 
B 2 HOH 95  95  95  HOH HOH A . 
B 2 HOH 96  96  96  HOH HOH A . 
B 2 HOH 97  97  97  HOH HOH A . 
B 2 HOH 98  98  98  HOH HOH A . 
B 2 HOH 99  99  99  HOH HOH A . 
B 2 HOH 100 100 100 HOH HOH A . 
B 2 HOH 101 101 101 HOH HOH A . 
B 2 HOH 102 102 102 HOH HOH A . 
B 2 HOH 103 103 103 HOH HOH A . 
B 2 HOH 104 104 104 HOH HOH A . 
B 2 HOH 105 105 105 HOH HOH A . 
B 2 HOH 106 106 106 HOH HOH A . 
B 2 HOH 107 107 107 HOH HOH A . 
B 2 HOH 108 108 108 HOH HOH A . 
B 2 HOH 109 109 109 HOH HOH A . 
B 2 HOH 110 110 110 HOH HOH A . 
B 2 HOH 111 111 111 HOH HOH A . 
B 2 HOH 112 112 112 HOH HOH A . 
B 2 HOH 113 113 113 HOH HOH A . 
B 2 HOH 114 114 114 HOH HOH A . 
B 2 HOH 115 115 115 HOH HOH A . 
B 2 HOH 116 116 116 HOH HOH A . 
B 2 HOH 117 117 117 HOH HOH A . 
B 2 HOH 118 118 118 HOH HOH A . 
B 2 HOH 119 119 119 HOH HOH A . 
# 
_pdbx_struct_assembly.id                   1 
_pdbx_struct_assembly.details              author_defined_assembly 
_pdbx_struct_assembly.method_details       ? 
_pdbx_struct_assembly.oligomeric_details   monomeric 
_pdbx_struct_assembly.oligomeric_count     1 
# 
_pdbx_struct_assembly_gen.assembly_id       1 
_pdbx_struct_assembly_gen.oper_expression   1 
_pdbx_struct_assembly_gen.asym_id_list      A,B 
# 
_pdbx_struct_oper_list.id                   1 
_pdbx_struct_oper_list.type                 'identity operation' 
_pdbx_struct_oper_list.name                 1_555 
_pdbx_struct_oper_list.symmetry_operation   x,y,z 
_pdbx_struct_oper_list.matrix[1][1]         1.0000000000 
_pdbx_struct_oper_list.matrix[1][2]         0.0000000000 
_pdbx_struct_oper_list.matrix[1][3]         0.0000000000 
_pdbx_struct_oper_list.vector[1]            0.0000000000 
_pdbx_struct_oper_list.matrix[2][1]         0.0000000000 
_pdbx_struct_oper_list.matrix[2][2]         1.0000000000 
_pdbx_struct_oper_list.matrix[2][3]         0.0000000000 
_pdbx_struct_oper_list.vector[2]            0.0000000000 
_pdbx_struct_oper_list.matrix[3][1]         0.0000000000 
_pdbx_struct_oper_list.matrix[3][2]         0.0000000000 
_pdbx_struct_oper_list.matrix[3][3]         1.0000000000 
_pdbx_struct_oper_list.vector[3]            0.0000000000 
# 
_pdbx_struct_special_symmetry.id              1 
_pdbx_struct_special_symmetry.PDB_model_num   1 
_pdbx_struct_special_symmetry.auth_asym_id    A 
_pdbx_struct_special_symmetry.auth_comp_id    HOH 
_pdbx_struct_special_symmetry.auth_seq_id     18 
_pdbx_struct_special_symmetry.PDB_ins_code    ? 
_pdbx_struct_special_symmetry.label_asym_id   B 
_pdbx_struct_special_symmetry.label_comp_id   HOH 
_pdbx_struct_special_symmetry.label_seq_id    . 
# 
loop_
_pdbx_audit_revision_history.ordinal 
_pdbx_audit_revision_history.data_content_type 
_pdbx_audit_revision_history.major_revision 
_pdbx_audit_revision_history.minor_revision 
_pdbx_audit_revision_history.revision_date 
1 'Structure model' 1 0 2007-08-28 
2 'Structure model' 1 1 2011-07-13 
3 'Structure model' 1 2 2023-10-25 
# 
_pdbx_audit_revision_details.ordinal             1 
_pdbx_audit_revision_details.revision_ordinal    1 
_pdbx_audit_revision_details.data_content_type   'Structure model' 
_pdbx_audit_revision_details.provider            repository 
_pdbx_audit_revision_details.type                'Initial release' 
_pdbx_audit_revision_details.description         ? 
_pdbx_audit_revision_details.details             ? 
# 
loop_
_pdbx_audit_revision_group.ordinal 
_pdbx_audit_revision_group.revision_ordinal 
_pdbx_audit_revision_group.data_content_type 
_pdbx_audit_revision_group.group 
1 2 'Structure model' 'Version format compliance' 
2 3 'Structure model' 'Data collection'           
3 3 'Structure model' 'Database references'       
4 3 'Structure model' 'Refinement description'    
# 
loop_
_pdbx_audit_revision_category.ordinal 
_pdbx_audit_revision_category.revision_ordinal 
_pdbx_audit_revision_category.data_content_type 
_pdbx_audit_revision_category.category 
1 3 'Structure model' chem_comp_atom                
2 3 'Structure model' chem_comp_bond                
3 3 'Structure model' database_2                    
4 3 'Structure model' pdbx_initial_refinement_model 
# 
loop_
_pdbx_audit_revision_item.ordinal 
_pdbx_audit_revision_item.revision_ordinal 
_pdbx_audit_revision_item.data_content_type 
_pdbx_audit_revision_item.item 
1 3 'Structure model' '_database_2.pdbx_DOI'                
2 3 'Structure model' '_database_2.pdbx_database_accession' 
# 
loop_
_software.name 
_software.classification 
_software.version 
_software.citation_id 
_software.pdbx_ordinal 
REFMAC   refinement        5.2.0019 ? 1 
HKL-2000 'data collection' .        ? 2 
HKL-2000 'data reduction'  .        ? 3 
HKL-2000 'data scaling'    .        ? 4 
AMoRE    phasing           .        ? 5 
# 
_pdbx_validate_torsion.id              1 
_pdbx_validate_torsion.PDB_model_num   1 
_pdbx_validate_torsion.auth_comp_id    LYS 
_pdbx_validate_torsion.auth_asym_id    A 
_pdbx_validate_torsion.auth_seq_id     268 
_pdbx_validate_torsion.PDB_ins_code    ? 
_pdbx_validate_torsion.label_alt_id    ? 
_pdbx_validate_torsion.phi             77.78 
_pdbx_validate_torsion.psi             -1.13 
# 
loop_
_pdbx_unobs_or_zero_occ_residues.id 
_pdbx_unobs_or_zero_occ_residues.PDB_model_num 
_pdbx_unobs_or_zero_occ_residues.polymer_flag 
_pdbx_unobs_or_zero_occ_residues.occupancy_flag 
_pdbx_unobs_or_zero_occ_residues.auth_asym_id 
_pdbx_unobs_or_zero_occ_residues.auth_comp_id 
_pdbx_unobs_or_zero_occ_residues.auth_seq_id 
_pdbx_unobs_or_zero_occ_residues.PDB_ins_code 
_pdbx_unobs_or_zero_occ_residues.label_asym_id 
_pdbx_unobs_or_zero_occ_residues.label_comp_id 
_pdbx_unobs_or_zero_occ_residues.label_seq_id 
1 1 Y 1 A THR 287 ? A THR 77 
2 1 Y 1 A PRO 288 ? A PRO 78 
3 1 Y 1 A ALA 289 ? A ALA 79 
4 1 Y 1 A LYS 290 ? A LYS 80 
5 1 Y 1 A ALA 291 ? A ALA 81 
6 1 Y 1 A LYS 292 ? A LYS 82 
7 1 Y 1 A ALA 293 ? A ALA 83 
8 1 Y 1 A ASN 294 ? A ASN 84 
9 1 Y 1 A ALA 295 ? A ALA 85 
# 
loop_
_chem_comp_atom.comp_id 
_chem_comp_atom.atom_id 
_chem_comp_atom.type_symbol 
_chem_comp_atom.pdbx_aromatic_flag 
_chem_comp_atom.pdbx_stereo_config 
_chem_comp_atom.pdbx_ordinal 
ALA N    N N N 1   
ALA CA   C N S 2   
ALA C    C N N 3   
ALA O    O N N 4   
ALA CB   C N N 5   
ALA OXT  O N N 6   
ALA H    H N N 7   
ALA H2   H N N 8   
ALA HA   H N N 9   
ALA HB1  H N N 10  
ALA HB2  H N N 11  
ALA HB3  H N N 12  
ALA HXT  H N N 13  
ARG N    N N N 14  
ARG CA   C N S 15  
ARG C    C N N 16  
ARG O    O N N 17  
ARG CB   C N N 18  
ARG CG   C N N 19  
ARG CD   C N N 20  
ARG NE   N N N 21  
ARG CZ   C N N 22  
ARG NH1  N N N 23  
ARG NH2  N N N 24  
ARG OXT  O N N 25  
ARG H    H N N 26  
ARG H2   H N N 27  
ARG HA   H N N 28  
ARG HB2  H N N 29  
ARG HB3  H N N 30  
ARG HG2  H N N 31  
ARG HG3  H N N 32  
ARG HD2  H N N 33  
ARG HD3  H N N 34  
ARG HE   H N N 35  
ARG HH11 H N N 36  
ARG HH12 H N N 37  
ARG HH21 H N N 38  
ARG HH22 H N N 39  
ARG HXT  H N N 40  
ASN N    N N N 41  
ASN CA   C N S 42  
ASN C    C N N 43  
ASN O    O N N 44  
ASN CB   C N N 45  
ASN CG   C N N 46  
ASN OD1  O N N 47  
ASN ND2  N N N 48  
ASN OXT  O N N 49  
ASN H    H N N 50  
ASN H2   H N N 51  
ASN HA   H N N 52  
ASN HB2  H N N 53  
ASN HB3  H N N 54  
ASN HD21 H N N 55  
ASN HD22 H N N 56  
ASN HXT  H N N 57  
ASP N    N N N 58  
ASP CA   C N S 59  
ASP C    C N N 60  
ASP O    O N N 61  
ASP CB   C N N 62  
ASP CG   C N N 63  
ASP OD1  O N N 64  
ASP OD2  O N N 65  
ASP OXT  O N N 66  
ASP H    H N N 67  
ASP H2   H N N 68  
ASP HA   H N N 69  
ASP HB2  H N N 70  
ASP HB3  H N N 71  
ASP HD2  H N N 72  
ASP HXT  H N N 73  
CYS N    N N N 74  
CYS CA   C N R 75  
CYS C    C N N 76  
CYS O    O N N 77  
CYS CB   C N N 78  
CYS SG   S N N 79  
CYS OXT  O N N 80  
CYS H    H N N 81  
CYS H2   H N N 82  
CYS HA   H N N 83  
CYS HB2  H N N 84  
CYS HB3  H N N 85  
CYS HG   H N N 86  
CYS HXT  H N N 87  
GLN N    N N N 88  
GLN CA   C N S 89  
GLN C    C N N 90  
GLN O    O N N 91  
GLN CB   C N N 92  
GLN CG   C N N 93  
GLN CD   C N N 94  
GLN OE1  O N N 95  
GLN NE2  N N N 96  
GLN OXT  O N N 97  
GLN H    H N N 98  
GLN H2   H N N 99  
GLN HA   H N N 100 
GLN HB2  H N N 101 
GLN HB3  H N N 102 
GLN HG2  H N N 103 
GLN HG3  H N N 104 
GLN HE21 H N N 105 
GLN HE22 H N N 106 
GLN HXT  H N N 107 
GLU N    N N N 108 
GLU CA   C N S 109 
GLU C    C N N 110 
GLU O    O N N 111 
GLU CB   C N N 112 
GLU CG   C N N 113 
GLU CD   C N N 114 
GLU OE1  O N N 115 
GLU OE2  O N N 116 
GLU OXT  O N N 117 
GLU H    H N N 118 
GLU H2   H N N 119 
GLU HA   H N N 120 
GLU HB2  H N N 121 
GLU HB3  H N N 122 
GLU HG2  H N N 123 
GLU HG3  H N N 124 
GLU HE2  H N N 125 
GLU HXT  H N N 126 
GLY N    N N N 127 
GLY CA   C N N 128 
GLY C    C N N 129 
GLY O    O N N 130 
GLY OXT  O N N 131 
GLY H    H N N 132 
GLY H2   H N N 133 
GLY HA2  H N N 134 
GLY HA3  H N N 135 
GLY HXT  H N N 136 
HIS N    N N N 137 
HIS CA   C N S 138 
HIS C    C N N 139 
HIS O    O N N 140 
HIS CB   C N N 141 
HIS CG   C Y N 142 
HIS ND1  N Y N 143 
HIS CD2  C Y N 144 
HIS CE1  C Y N 145 
HIS NE2  N Y N 146 
HIS OXT  O N N 147 
HIS H    H N N 148 
HIS H2   H N N 149 
HIS HA   H N N 150 
HIS HB2  H N N 151 
HIS HB3  H N N 152 
HIS HD1  H N N 153 
HIS HD2  H N N 154 
HIS HE1  H N N 155 
HIS HE2  H N N 156 
HIS HXT  H N N 157 
HOH O    O N N 158 
HOH H1   H N N 159 
HOH H2   H N N 160 
ILE N    N N N 161 
ILE CA   C N S 162 
ILE C    C N N 163 
ILE O    O N N 164 
ILE CB   C N S 165 
ILE CG1  C N N 166 
ILE CG2  C N N 167 
ILE CD1  C N N 168 
ILE OXT  O N N 169 
ILE H    H N N 170 
ILE H2   H N N 171 
ILE HA   H N N 172 
ILE HB   H N N 173 
ILE HG12 H N N 174 
ILE HG13 H N N 175 
ILE HG21 H N N 176 
ILE HG22 H N N 177 
ILE HG23 H N N 178 
ILE HD11 H N N 179 
ILE HD12 H N N 180 
ILE HD13 H N N 181 
ILE HXT  H N N 182 
LEU N    N N N 183 
LEU CA   C N S 184 
LEU C    C N N 185 
LEU O    O N N 186 
LEU CB   C N N 187 
LEU CG   C N N 188 
LEU CD1  C N N 189 
LEU CD2  C N N 190 
LEU OXT  O N N 191 
LEU H    H N N 192 
LEU H2   H N N 193 
LEU HA   H N N 194 
LEU HB2  H N N 195 
LEU HB3  H N N 196 
LEU HG   H N N 197 
LEU HD11 H N N 198 
LEU HD12 H N N 199 
LEU HD13 H N N 200 
LEU HD21 H N N 201 
LEU HD22 H N N 202 
LEU HD23 H N N 203 
LEU HXT  H N N 204 
LYS N    N N N 205 
LYS CA   C N S 206 
LYS C    C N N 207 
LYS O    O N N 208 
LYS CB   C N N 209 
LYS CG   C N N 210 
LYS CD   C N N 211 
LYS CE   C N N 212 
LYS NZ   N N N 213 
LYS OXT  O N N 214 
LYS H    H N N 215 
LYS H2   H N N 216 
LYS HA   H N N 217 
LYS HB2  H N N 218 
LYS HB3  H N N 219 
LYS HG2  H N N 220 
LYS HG3  H N N 221 
LYS HD2  H N N 222 
LYS HD3  H N N 223 
LYS HE2  H N N 224 
LYS HE3  H N N 225 
LYS HZ1  H N N 226 
LYS HZ2  H N N 227 
LYS HZ3  H N N 228 
LYS HXT  H N N 229 
MET N    N N N 230 
MET CA   C N S 231 
MET C    C N N 232 
MET O    O N N 233 
MET CB   C N N 234 
MET CG   C N N 235 
MET SD   S N N 236 
MET CE   C N N 237 
MET OXT  O N N 238 
MET H    H N N 239 
MET H2   H N N 240 
MET HA   H N N 241 
MET HB2  H N N 242 
MET HB3  H N N 243 
MET HG2  H N N 244 
MET HG3  H N N 245 
MET HE1  H N N 246 
MET HE2  H N N 247 
MET HE3  H N N 248 
MET HXT  H N N 249 
PHE N    N N N 250 
PHE CA   C N S 251 
PHE C    C N N 252 
PHE O    O N N 253 
PHE CB   C N N 254 
PHE CG   C Y N 255 
PHE CD1  C Y N 256 
PHE CD2  C Y N 257 
PHE CE1  C Y N 258 
PHE CE2  C Y N 259 
PHE CZ   C Y N 260 
PHE OXT  O N N 261 
PHE H    H N N 262 
PHE H2   H N N 263 
PHE HA   H N N 264 
PHE HB2  H N N 265 
PHE HB3  H N N 266 
PHE HD1  H N N 267 
PHE HD2  H N N 268 
PHE HE1  H N N 269 
PHE HE2  H N N 270 
PHE HZ   H N N 271 
PHE HXT  H N N 272 
PRO N    N N N 273 
PRO CA   C N S 274 
PRO C    C N N 275 
PRO O    O N N 276 
PRO CB   C N N 277 
PRO CG   C N N 278 
PRO CD   C N N 279 
PRO OXT  O N N 280 
PRO H    H N N 281 
PRO HA   H N N 282 
PRO HB2  H N N 283 
PRO HB3  H N N 284 
PRO HG2  H N N 285 
PRO HG3  H N N 286 
PRO HD2  H N N 287 
PRO HD3  H N N 288 
PRO HXT  H N N 289 
SER N    N N N 290 
SER CA   C N S 291 
SER C    C N N 292 
SER O    O N N 293 
SER CB   C N N 294 
SER OG   O N N 295 
SER OXT  O N N 296 
SER H    H N N 297 
SER H2   H N N 298 
SER HA   H N N 299 
SER HB2  H N N 300 
SER HB3  H N N 301 
SER HG   H N N 302 
SER HXT  H N N 303 
THR N    N N N 304 
THR CA   C N S 305 
THR C    C N N 306 
THR O    O N N 307 
THR CB   C N R 308 
THR OG1  O N N 309 
THR CG2  C N N 310 
THR OXT  O N N 311 
THR H    H N N 312 
THR H2   H N N 313 
THR HA   H N N 314 
THR HB   H N N 315 
THR HG1  H N N 316 
THR HG21 H N N 317 
THR HG22 H N N 318 
THR HG23 H N N 319 
THR HXT  H N N 320 
TRP N    N N N 321 
TRP CA   C N S 322 
TRP C    C N N 323 
TRP O    O N N 324 
TRP CB   C N N 325 
TRP CG   C Y N 326 
TRP CD1  C Y N 327 
TRP CD2  C Y N 328 
TRP NE1  N Y N 329 
TRP CE2  C Y N 330 
TRP CE3  C Y N 331 
TRP CZ2  C Y N 332 
TRP CZ3  C Y N 333 
TRP CH2  C Y N 334 
TRP OXT  O N N 335 
TRP H    H N N 336 
TRP H2   H N N 337 
TRP HA   H N N 338 
TRP HB2  H N N 339 
TRP HB3  H N N 340 
TRP HD1  H N N 341 
TRP HE1  H N N 342 
TRP HE3  H N N 343 
TRP HZ2  H N N 344 
TRP HZ3  H N N 345 
TRP HH2  H N N 346 
TRP HXT  H N N 347 
TYR N    N N N 348 
TYR CA   C N S 349 
TYR C    C N N 350 
TYR O    O N N 351 
TYR CB   C N N 352 
TYR CG   C Y N 353 
TYR CD1  C Y N 354 
TYR CD2  C Y N 355 
TYR CE1  C Y N 356 
TYR CE2  C Y N 357 
TYR CZ   C Y N 358 
TYR OH   O N N 359 
TYR OXT  O N N 360 
TYR H    H N N 361 
TYR H2   H N N 362 
TYR HA   H N N 363 
TYR HB2  H N N 364 
TYR HB3  H N N 365 
TYR HD1  H N N 366 
TYR HD2  H N N 367 
TYR HE1  H N N 368 
TYR HE2  H N N 369 
TYR HH   H N N 370 
TYR HXT  H N N 371 
VAL N    N N N 372 
VAL CA   C N S 373 
VAL C    C N N 374 
VAL O    O N N 375 
VAL CB   C N N 376 
VAL CG1  C N N 377 
VAL CG2  C N N 378 
VAL OXT  O N N 379 
VAL H    H N N 380 
VAL H2   H N N 381 
VAL HA   H N N 382 
VAL HB   H N N 383 
VAL HG11 H N N 384 
VAL HG12 H N N 385 
VAL HG13 H N N 386 
VAL HG21 H N N 387 
VAL HG22 H N N 388 
VAL HG23 H N N 389 
VAL HXT  H N N 390 
# 
loop_
_chem_comp_bond.comp_id 
_chem_comp_bond.atom_id_1 
_chem_comp_bond.atom_id_2 
_chem_comp_bond.value_order 
_chem_comp_bond.pdbx_aromatic_flag 
_chem_comp_bond.pdbx_stereo_config 
_chem_comp_bond.pdbx_ordinal 
ALA N   CA   sing N N 1   
ALA N   H    sing N N 2   
ALA N   H2   sing N N 3   
ALA CA  C    sing N N 4   
ALA CA  CB   sing N N 5   
ALA CA  HA   sing N N 6   
ALA C   O    doub N N 7   
ALA C   OXT  sing N N 8   
ALA CB  HB1  sing N N 9   
ALA CB  HB2  sing N N 10  
ALA CB  HB3  sing N N 11  
ALA OXT HXT  sing N N 12  
ARG N   CA   sing N N 13  
ARG N   H    sing N N 14  
ARG N   H2   sing N N 15  
ARG CA  C    sing N N 16  
ARG CA  CB   sing N N 17  
ARG CA  HA   sing N N 18  
ARG C   O    doub N N 19  
ARG C   OXT  sing N N 20  
ARG CB  CG   sing N N 21  
ARG CB  HB2  sing N N 22  
ARG CB  HB3  sing N N 23  
ARG CG  CD   sing N N 24  
ARG CG  HG2  sing N N 25  
ARG CG  HG3  sing N N 26  
ARG CD  NE   sing N N 27  
ARG CD  HD2  sing N N 28  
ARG CD  HD3  sing N N 29  
ARG NE  CZ   sing N N 30  
ARG NE  HE   sing N N 31  
ARG CZ  NH1  sing N N 32  
ARG CZ  NH2  doub N N 33  
ARG NH1 HH11 sing N N 34  
ARG NH1 HH12 sing N N 35  
ARG NH2 HH21 sing N N 36  
ARG NH2 HH22 sing N N 37  
ARG OXT HXT  sing N N 38  
ASN N   CA   sing N N 39  
ASN N   H    sing N N 40  
ASN N   H2   sing N N 41  
ASN CA  C    sing N N 42  
ASN CA  CB   sing N N 43  
ASN CA  HA   sing N N 44  
ASN C   O    doub N N 45  
ASN C   OXT  sing N N 46  
ASN CB  CG   sing N N 47  
ASN CB  HB2  sing N N 48  
ASN CB  HB3  sing N N 49  
ASN CG  OD1  doub N N 50  
ASN CG  ND2  sing N N 51  
ASN ND2 HD21 sing N N 52  
ASN ND2 HD22 sing N N 53  
ASN OXT HXT  sing N N 54  
ASP N   CA   sing N N 55  
ASP N   H    sing N N 56  
ASP N   H2   sing N N 57  
ASP CA  C    sing N N 58  
ASP CA  CB   sing N N 59  
ASP CA  HA   sing N N 60  
ASP C   O    doub N N 61  
ASP C   OXT  sing N N 62  
ASP CB  CG   sing N N 63  
ASP CB  HB2  sing N N 64  
ASP CB  HB3  sing N N 65  
ASP CG  OD1  doub N N 66  
ASP CG  OD2  sing N N 67  
ASP OD2 HD2  sing N N 68  
ASP OXT HXT  sing N N 69  
CYS N   CA   sing N N 70  
CYS N   H    sing N N 71  
CYS N   H2   sing N N 72  
CYS CA  C    sing N N 73  
CYS CA  CB   sing N N 74  
CYS CA  HA   sing N N 75  
CYS C   O    doub N N 76  
CYS C   OXT  sing N N 77  
CYS CB  SG   sing N N 78  
CYS CB  HB2  sing N N 79  
CYS CB  HB3  sing N N 80  
CYS SG  HG   sing N N 81  
CYS OXT HXT  sing N N 82  
GLN N   CA   sing N N 83  
GLN N   H    sing N N 84  
GLN N   H2   sing N N 85  
GLN CA  C    sing N N 86  
GLN CA  CB   sing N N 87  
GLN CA  HA   sing N N 88  
GLN C   O    doub N N 89  
GLN C   OXT  sing N N 90  
GLN CB  CG   sing N N 91  
GLN CB  HB2  sing N N 92  
GLN CB  HB3  sing N N 93  
GLN CG  CD   sing N N 94  
GLN CG  HG2  sing N N 95  
GLN CG  HG3  sing N N 96  
GLN CD  OE1  doub N N 97  
GLN CD  NE2  sing N N 98  
GLN NE2 HE21 sing N N 99  
GLN NE2 HE22 sing N N 100 
GLN OXT HXT  sing N N 101 
GLU N   CA   sing N N 102 
GLU N   H    sing N N 103 
GLU N   H2   sing N N 104 
GLU CA  C    sing N N 105 
GLU CA  CB   sing N N 106 
GLU CA  HA   sing N N 107 
GLU C   O    doub N N 108 
GLU C   OXT  sing N N 109 
GLU CB  CG   sing N N 110 
GLU CB  HB2  sing N N 111 
GLU CB  HB3  sing N N 112 
GLU CG  CD   sing N N 113 
GLU CG  HG2  sing N N 114 
GLU CG  HG3  sing N N 115 
GLU CD  OE1  doub N N 116 
GLU CD  OE2  sing N N 117 
GLU OE2 HE2  sing N N 118 
GLU OXT HXT  sing N N 119 
GLY N   CA   sing N N 120 
GLY N   H    sing N N 121 
GLY N   H2   sing N N 122 
GLY CA  C    sing N N 123 
GLY CA  HA2  sing N N 124 
GLY CA  HA3  sing N N 125 
GLY C   O    doub N N 126 
GLY C   OXT  sing N N 127 
GLY OXT HXT  sing N N 128 
HIS N   CA   sing N N 129 
HIS N   H    sing N N 130 
HIS N   H2   sing N N 131 
HIS CA  C    sing N N 132 
HIS CA  CB   sing N N 133 
HIS CA  HA   sing N N 134 
HIS C   O    doub N N 135 
HIS C   OXT  sing N N 136 
HIS CB  CG   sing N N 137 
HIS CB  HB2  sing N N 138 
HIS CB  HB3  sing N N 139 
HIS CG  ND1  sing Y N 140 
HIS CG  CD2  doub Y N 141 
HIS ND1 CE1  doub Y N 142 
HIS ND1 HD1  sing N N 143 
HIS CD2 NE2  sing Y N 144 
HIS CD2 HD2  sing N N 145 
HIS CE1 NE2  sing Y N 146 
HIS CE1 HE1  sing N N 147 
HIS NE2 HE2  sing N N 148 
HIS OXT HXT  sing N N 149 
HOH O   H1   sing N N 150 
HOH O   H2   sing N N 151 
ILE N   CA   sing N N 152 
ILE N   H    sing N N 153 
ILE N   H2   sing N N 154 
ILE CA  C    sing N N 155 
ILE CA  CB   sing N N 156 
ILE CA  HA   sing N N 157 
ILE C   O    doub N N 158 
ILE C   OXT  sing N N 159 
ILE CB  CG1  sing N N 160 
ILE CB  CG2  sing N N 161 
ILE CB  HB   sing N N 162 
ILE CG1 CD1  sing N N 163 
ILE CG1 HG12 sing N N 164 
ILE CG1 HG13 sing N N 165 
ILE CG2 HG21 sing N N 166 
ILE CG2 HG22 sing N N 167 
ILE CG2 HG23 sing N N 168 
ILE CD1 HD11 sing N N 169 
ILE CD1 HD12 sing N N 170 
ILE CD1 HD13 sing N N 171 
ILE OXT HXT  sing N N 172 
LEU N   CA   sing N N 173 
LEU N   H    sing N N 174 
LEU N   H2   sing N N 175 
LEU CA  C    sing N N 176 
LEU CA  CB   sing N N 177 
LEU CA  HA   sing N N 178 
LEU C   O    doub N N 179 
LEU C   OXT  sing N N 180 
LEU CB  CG   sing N N 181 
LEU CB  HB2  sing N N 182 
LEU CB  HB3  sing N N 183 
LEU CG  CD1  sing N N 184 
LEU CG  CD2  sing N N 185 
LEU CG  HG   sing N N 186 
LEU CD1 HD11 sing N N 187 
LEU CD1 HD12 sing N N 188 
LEU CD1 HD13 sing N N 189 
LEU CD2 HD21 sing N N 190 
LEU CD2 HD22 sing N N 191 
LEU CD2 HD23 sing N N 192 
LEU OXT HXT  sing N N 193 
LYS N   CA   sing N N 194 
LYS N   H    sing N N 195 
LYS N   H2   sing N N 196 
LYS CA  C    sing N N 197 
LYS CA  CB   sing N N 198 
LYS CA  HA   sing N N 199 
LYS C   O    doub N N 200 
LYS C   OXT  sing N N 201 
LYS CB  CG   sing N N 202 
LYS CB  HB2  sing N N 203 
LYS CB  HB3  sing N N 204 
LYS CG  CD   sing N N 205 
LYS CG  HG2  sing N N 206 
LYS CG  HG3  sing N N 207 
LYS CD  CE   sing N N 208 
LYS CD  HD2  sing N N 209 
LYS CD  HD3  sing N N 210 
LYS CE  NZ   sing N N 211 
LYS CE  HE2  sing N N 212 
LYS CE  HE3  sing N N 213 
LYS NZ  HZ1  sing N N 214 
LYS NZ  HZ2  sing N N 215 
LYS NZ  HZ3  sing N N 216 
LYS OXT HXT  sing N N 217 
MET N   CA   sing N N 218 
MET N   H    sing N N 219 
MET N   H2   sing N N 220 
MET CA  C    sing N N 221 
MET CA  CB   sing N N 222 
MET CA  HA   sing N N 223 
MET C   O    doub N N 224 
MET C   OXT  sing N N 225 
MET CB  CG   sing N N 226 
MET CB  HB2  sing N N 227 
MET CB  HB3  sing N N 228 
MET CG  SD   sing N N 229 
MET CG  HG2  sing N N 230 
MET CG  HG3  sing N N 231 
MET SD  CE   sing N N 232 
MET CE  HE1  sing N N 233 
MET CE  HE2  sing N N 234 
MET CE  HE3  sing N N 235 
MET OXT HXT  sing N N 236 
PHE N   CA   sing N N 237 
PHE N   H    sing N N 238 
PHE N   H2   sing N N 239 
PHE CA  C    sing N N 240 
PHE CA  CB   sing N N 241 
PHE CA  HA   sing N N 242 
PHE C   O    doub N N 243 
PHE C   OXT  sing N N 244 
PHE CB  CG   sing N N 245 
PHE CB  HB2  sing N N 246 
PHE CB  HB3  sing N N 247 
PHE CG  CD1  doub Y N 248 
PHE CG  CD2  sing Y N 249 
PHE CD1 CE1  sing Y N 250 
PHE CD1 HD1  sing N N 251 
PHE CD2 CE2  doub Y N 252 
PHE CD2 HD2  sing N N 253 
PHE CE1 CZ   doub Y N 254 
PHE CE1 HE1  sing N N 255 
PHE CE2 CZ   sing Y N 256 
PHE CE2 HE2  sing N N 257 
PHE CZ  HZ   sing N N 258 
PHE OXT HXT  sing N N 259 
PRO N   CA   sing N N 260 
PRO N   CD   sing N N 261 
PRO N   H    sing N N 262 
PRO CA  C    sing N N 263 
PRO CA  CB   sing N N 264 
PRO CA  HA   sing N N 265 
PRO C   O    doub N N 266 
PRO C   OXT  sing N N 267 
PRO CB  CG   sing N N 268 
PRO CB  HB2  sing N N 269 
PRO CB  HB3  sing N N 270 
PRO CG  CD   sing N N 271 
PRO CG  HG2  sing N N 272 
PRO CG  HG3  sing N N 273 
PRO CD  HD2  sing N N 274 
PRO CD  HD3  sing N N 275 
PRO OXT HXT  sing N N 276 
SER N   CA   sing N N 277 
SER N   H    sing N N 278 
SER N   H2   sing N N 279 
SER CA  C    sing N N 280 
SER CA  CB   sing N N 281 
SER CA  HA   sing N N 282 
SER C   O    doub N N 283 
SER C   OXT  sing N N 284 
SER CB  OG   sing N N 285 
SER CB  HB2  sing N N 286 
SER CB  HB3  sing N N 287 
SER OG  HG   sing N N 288 
SER OXT HXT  sing N N 289 
THR N   CA   sing N N 290 
THR N   H    sing N N 291 
THR N   H2   sing N N 292 
THR CA  C    sing N N 293 
THR CA  CB   sing N N 294 
THR CA  HA   sing N N 295 
THR C   O    doub N N 296 
THR C   OXT  sing N N 297 
THR CB  OG1  sing N N 298 
THR CB  CG2  sing N N 299 
THR CB  HB   sing N N 300 
THR OG1 HG1  sing N N 301 
THR CG2 HG21 sing N N 302 
THR CG2 HG22 sing N N 303 
THR CG2 HG23 sing N N 304 
THR OXT HXT  sing N N 305 
TRP N   CA   sing N N 306 
TRP N   H    sing N N 307 
TRP N   H2   sing N N 308 
TRP CA  C    sing N N 309 
TRP CA  CB   sing N N 310 
TRP CA  HA   sing N N 311 
TRP C   O    doub N N 312 
TRP C   OXT  sing N N 313 
TRP CB  CG   sing N N 314 
TRP CB  HB2  sing N N 315 
TRP CB  HB3  sing N N 316 
TRP CG  CD1  doub Y N 317 
TRP CG  CD2  sing Y N 318 
TRP CD1 NE1  sing Y N 319 
TRP CD1 HD1  sing N N 320 
TRP CD2 CE2  doub Y N 321 
TRP CD2 CE3  sing Y N 322 
TRP NE1 CE2  sing Y N 323 
TRP NE1 HE1  sing N N 324 
TRP CE2 CZ2  sing Y N 325 
TRP CE3 CZ3  doub Y N 326 
TRP CE3 HE3  sing N N 327 
TRP CZ2 CH2  doub Y N 328 
TRP CZ2 HZ2  sing N N 329 
TRP CZ3 CH2  sing Y N 330 
TRP CZ3 HZ3  sing N N 331 
TRP CH2 HH2  sing N N 332 
TRP OXT HXT  sing N N 333 
TYR N   CA   sing N N 334 
TYR N   H    sing N N 335 
TYR N   H2   sing N N 336 
TYR CA  C    sing N N 337 
TYR CA  CB   sing N N 338 
TYR CA  HA   sing N N 339 
TYR C   O    doub N N 340 
TYR C   OXT  sing N N 341 
TYR CB  CG   sing N N 342 
TYR CB  HB2  sing N N 343 
TYR CB  HB3  sing N N 344 
TYR CG  CD1  doub Y N 345 
TYR CG  CD2  sing Y N 346 
TYR CD1 CE1  sing Y N 347 
TYR CD1 HD1  sing N N 348 
TYR CD2 CE2  doub Y N 349 
TYR CD2 HD2  sing N N 350 
TYR CE1 CZ   doub Y N 351 
TYR CE1 HE1  sing N N 352 
TYR CE2 CZ   sing Y N 353 
TYR CE2 HE2  sing N N 354 
TYR CZ  OH   sing N N 355 
TYR OH  HH   sing N N 356 
TYR OXT HXT  sing N N 357 
VAL N   CA   sing N N 358 
VAL N   H    sing N N 359 
VAL N   H2   sing N N 360 
VAL CA  C    sing N N 361 
VAL CA  CB   sing N N 362 
VAL CA  HA   sing N N 363 
VAL C   O    doub N N 364 
VAL C   OXT  sing N N 365 
VAL CB  CG1  sing N N 366 
VAL CB  CG2  sing N N 367 
VAL CB  HB   sing N N 368 
VAL CG1 HG11 sing N N 369 
VAL CG1 HG12 sing N N 370 
VAL CG1 HG13 sing N N 371 
VAL CG2 HG21 sing N N 372 
VAL CG2 HG22 sing N N 373 
VAL CG2 HG23 sing N N 374 
VAL OXT HXT  sing N N 375 
# 
_pdbx_entity_nonpoly.entity_id   2 
_pdbx_entity_nonpoly.name        water 
_pdbx_entity_nonpoly.comp_id     HOH 
# 
_pdbx_initial_refinement_model.id               1 
_pdbx_initial_refinement_model.entity_id_list   ? 
_pdbx_initial_refinement_model.type             'experimental model' 
_pdbx_initial_refinement_model.source_name      PDB 
_pdbx_initial_refinement_model.accession_code   1LPL 
_pdbx_initial_refinement_model.details          ? 
# 
